data_7ODG
#
_entry.id   7ODG
#
_cell.length_a   73.467
_cell.length_b   95.760
_cell.length_c   120.633
_cell.angle_alpha   90.000
_cell.angle_beta   90.000
_cell.angle_gamma   90.000
#
_symmetry.space_group_name_H-M   'P 21 21 21'
#
loop_
_entity.id
_entity.type
_entity.pdbx_description
1 polymer 'Uptake hydrogenase large subunit'
2 polymer 'Uptake hydrogenase small subunit'
3 non-polymer formyl[bis(hydrocyanato-1kappaC)]ironnickel(Fe-Ni)
4 non-polymer 'MAGNESIUM ION'
5 non-polymer 'IRON/SULFUR CLUSTER'
6 non-polymer 'FE4-S3 CLUSTER'
7 non-polymer 'CHLORIDE ION'
8 water water
#
loop_
_entity_poly.entity_id
_entity_poly.type
_entity_poly.pdbx_seq_one_letter_code
_entity_poly.pdbx_strand_id
1 'polypeptide(L)'
;MSAYATQGFNLDDRGRRIVVDPVTRIEGHMRCEVNVDANNVIRNAVSTGTMWRGLEVILKGRDPRDAWAFVERICGVCTG
CHALASVRAVENALDIRIPKNAHLIREIMAKTLQVHDHAVHFYHLHALDWVDVMSALKADPKRTSELQQLVSPAHPLSSA
GYFRDIQNRLKRFVESGQLGPFMNGYWGSKAYVLPPEANLMAVTHYLEALDLQKEWVKIHTIFGGKNPHPNYLVGGVPCA
INLDGIGAASAPVNMERLSFVKARIDEIIEFNKNVYVPDVLAIGTLYKQAGWLYGGGLAATNVLDYGEYPNVAYNKSTDQ
LPGGAILNGNWDEVFPVDPRDSQQVQEFVSHSWYKYADESVGLHPWDGVTEPNYVLGANTKGTRTRIEQIDESAKYSWIK
SPRWRGHAMEVGPLSRYILAYAHARSGNKYAERPKEQLEYSAQMINSAIPKALGLPETQYTLKQLLPSTIGRTLARALES
QYCGEMMHSDWHDLVANIRAGDTATANVDKWDPATWPLQAKGVGTVAAPRGALGHWIRIKDGRIENYQCVVPTTWNGSPR
DYKGQIGAFEASLMNTPMVNPEQPVEILRTLHSFDPCLACSTH
;
L
2 'polypeptide(L)'
;METKPRTPVLWLHGLECTC(CSO)SESFIRSAHPLAKDVVLSMISLDYDDTLMAAAGHQAEAILEEIMTKYKGNYILAVE
GNPPLNQDGMSCIIGGRPFIEQLKYVAKDAKAIISWGSCASWGCVQAAKPNPTQATPVHKVITDKPIIKVPGCPPIAEVM
TGVITYMLTFDRIPELDRQGRPKMFYSQRIHDKCYRRPHFDAGQFVEEWDDESARKGFCLYKMGCKGPTTYNACSTTRWN
EGTSFCIQSGHGCIGCSEDGFWDKGSFYDRLTGISQFGVEANADKIGGTASVVVGAAVTAHAAASAIKRASKKNETSGSE
HRSAWSHPQFEK
;
S
#
loop_
_chem_comp.id
_chem_comp.type
_chem_comp.name
_chem_comp.formula
CL non-polymer 'CHLORIDE ION' 'Cl -1'
F4S non-polymer 'FE4-S3 CLUSTER' 'Fe4 S3'
MG non-polymer 'MAGNESIUM ION' 'Mg 2'
NFU non-polymer formyl[bis(hydrocyanato-1kappaC)]ironnickel(Fe-Ni) 'C3 H Fe N2 Ni O'
SF4 non-polymer 'IRON/SULFUR CLUSTER' 'Fe4 S4'
#
# COMPACT_ATOMS: atom_id res chain seq x y z
N ALA A 3 -1.91 -14.16 32.71
CA ALA A 3 -3.07 -14.63 31.91
C ALA A 3 -4.33 -13.84 32.26
N TYR A 4 -5.07 -13.41 31.25
CA TYR A 4 -6.38 -12.81 31.47
C TYR A 4 -7.30 -13.06 30.31
N ALA A 5 -8.59 -12.90 30.56
CA ALA A 5 -9.64 -13.08 29.56
C ALA A 5 -10.15 -11.74 29.07
N THR A 6 -10.33 -11.62 27.76
CA THR A 6 -10.90 -10.39 27.15
C THR A 6 -11.55 -10.76 25.83
N GLN A 7 -12.76 -10.28 25.61
CA GLN A 7 -13.49 -10.39 24.33
C GLN A 7 -13.75 -11.84 23.93
N GLY A 8 -13.97 -12.71 24.92
CA GLY A 8 -14.14 -14.14 24.70
C GLY A 8 -12.85 -14.92 24.47
N PHE A 9 -11.69 -14.26 24.51
CA PHE A 9 -10.38 -14.91 24.37
C PHE A 9 -9.72 -15.09 25.72
N ASN A 10 -9.14 -16.27 25.94
CA ASN A 10 -8.32 -16.52 27.13
C ASN A 10 -6.84 -16.38 26.79
N LEU A 11 -6.26 -15.22 27.09
CA LEU A 11 -4.85 -14.97 26.82
C LEU A 11 -3.99 -15.66 27.86
N ASP A 12 -2.87 -16.24 27.44
CA ASP A 12 -1.97 -16.94 28.35
C ASP A 12 -0.57 -16.89 27.76
N ASP A 13 0.37 -16.34 28.52
CA ASP A 13 1.77 -16.19 28.06
C ASP A 13 2.75 -17.18 28.72
N ARG A 14 2.21 -18.24 29.33
CA ARG A 14 3.02 -19.25 30.03
C ARG A 14 3.79 -20.15 29.07
N GLY A 15 3.26 -20.33 27.86
CA GLY A 15 3.85 -21.26 26.90
C GLY A 15 5.11 -20.82 26.18
N ARG A 16 5.49 -21.56 25.16
CA ARG A 16 6.72 -21.29 24.43
C ARG A 16 6.60 -20.02 23.59
N ARG A 17 7.56 -19.12 23.73
CA ARG A 17 7.56 -17.83 23.01
C ARG A 17 8.21 -17.99 21.65
N ILE A 18 7.54 -17.47 20.63
CA ILE A 18 8.02 -17.55 19.25
C ILE A 18 8.02 -16.14 18.74
N VAL A 19 9.10 -15.75 18.05
CA VAL A 19 9.29 -14.39 17.53
C VAL A 19 9.43 -14.43 16.01
N VAL A 20 8.67 -13.57 15.33
CA VAL A 20 8.81 -13.36 13.88
C VAL A 20 9.21 -11.89 13.63
N ASP A 21 10.49 -11.65 13.38
CA ASP A 21 10.98 -10.28 13.11
C ASP A 21 12.18 -10.37 12.17
N PRO A 22 12.04 -9.93 10.91
CA PRO A 22 10.89 -9.21 10.38
C PRO A 22 9.74 -10.10 9.89
N VAL A 23 8.53 -9.59 9.98
CA VAL A 23 7.41 -10.13 9.22
C VAL A 23 7.61 -9.65 7.80
N THR A 24 7.73 -10.56 6.86
CA THR A 24 7.97 -10.20 5.47
C THR A 24 6.67 -10.31 4.68
N ARG A 25 6.74 -9.91 3.41
CA ARG A 25 5.57 -9.84 2.52
C ARG A 25 4.43 -9.04 3.14
N ILE A 26 4.80 -7.87 3.65
CA ILE A 26 3.88 -6.82 4.05
C ILE A 26 4.50 -5.52 3.54
N GLU A 27 3.80 -4.41 3.70
CA GLU A 27 4.42 -3.11 3.53
C GLU A 27 4.95 -2.67 4.88
N GLY A 28 6.22 -2.27 4.92
CA GLY A 28 6.82 -1.67 6.09
C GLY A 28 7.34 -2.71 7.05
N HIS A 29 7.31 -2.37 8.33
CA HIS A 29 8.07 -3.06 9.35
C HIS A 29 7.17 -3.49 10.50
N MET A 30 7.15 -4.78 10.75
CA MET A 30 6.38 -5.37 11.86
C MET A 30 7.15 -6.50 12.53
N ARG A 31 7.02 -6.56 13.84
CA ARG A 31 7.46 -7.69 14.65
C ARG A 31 6.20 -8.34 15.21
N CYS A 32 6.14 -9.68 15.17
CA CYS A 32 5.07 -10.42 15.79
C CYS A 32 5.66 -11.47 16.76
N GLU A 33 5.09 -11.54 17.96
CA GLU A 33 5.43 -12.58 18.91
C GLU A 33 4.17 -13.33 19.32
N VAL A 34 4.32 -14.64 19.52
CA VAL A 34 3.24 -15.48 20.04
C VAL A 34 3.74 -16.37 21.17
N ASN A 35 2.80 -16.86 21.97
CA ASN A 35 3.05 -18.00 22.84
C ASN A 35 2.19 -19.19 22.37
N VAL A 36 2.80 -20.37 22.32
CA VAL A 36 2.08 -21.61 21.97
C VAL A 36 2.02 -22.56 23.16
N ASP A 37 0.93 -23.30 23.26
CA ASP A 37 0.74 -24.30 24.31
C ASP A 37 1.43 -25.63 23.96
N ALA A 38 1.22 -26.63 24.82
CA ALA A 38 1.88 -27.94 24.69
C ALA A 38 1.60 -28.64 23.35
N ASN A 39 0.50 -28.28 22.69
CA ASN A 39 0.14 -28.83 21.38
C ASN A 39 0.34 -27.84 20.22
N ASN A 40 1.20 -26.86 20.42
CA ASN A 40 1.53 -25.86 19.39
C ASN A 40 0.38 -24.96 18.95
N VAL A 41 -0.58 -24.74 19.84
CA VAL A 41 -1.69 -23.85 19.55
C VAL A 41 -1.34 -22.48 20.13
N ILE A 42 -1.58 -21.44 19.36
CA ILE A 42 -1.33 -20.07 19.79
C ILE A 42 -2.33 -19.68 20.90
N ARG A 43 -1.79 -19.21 22.03
CA ARG A 43 -2.60 -18.79 23.17
C ARG A 43 -2.33 -17.33 23.60
N ASN A 44 -1.42 -16.65 22.89
CA ASN A 44 -1.15 -15.25 23.10
C ASN A 44 -0.50 -14.73 21.84
N ALA A 45 -0.82 -13.49 21.49
CA ALA A 45 -0.29 -12.85 20.29
C ALA A 45 -0.02 -11.38 20.55
N VAL A 46 1.08 -10.90 19.99
CA VAL A 46 1.58 -9.57 20.25
C VAL A 46 1.93 -8.95 18.89
N SER A 47 1.31 -7.83 18.58
CA SER A 47 1.53 -7.11 17.33
C SER A 47 2.37 -5.87 17.62
N THR A 48 3.56 -5.81 17.01
CA THR A 48 4.46 -4.65 17.21
C THR A 48 4.73 -3.94 15.86
N GLY A 49 4.30 -2.69 15.76
CA GLY A 49 4.70 -1.83 14.65
C GLY A 49 6.07 -1.29 14.92
N THR A 50 7.04 -1.62 14.06
CA THR A 50 8.46 -1.30 14.30
C THR A 50 9.00 -0.12 13.45
N MET A 51 8.14 0.82 13.08
CA MET A 51 8.59 2.04 12.38
C MET A 51 7.72 3.19 12.76
N TRP A 52 8.29 4.40 12.66
CA TRP A 52 7.54 5.65 12.80
C TRP A 52 8.32 6.77 12.11
N ARG A 53 7.59 7.66 11.43
CA ARG A 53 8.15 8.81 10.71
C ARG A 53 7.67 10.18 11.23
N GLY A 54 6.45 10.25 11.74
CA GLY A 54 5.93 11.48 12.32
C GLY A 54 5.38 12.47 11.32
N LEU A 55 4.61 12.00 10.34
CA LEU A 55 3.96 12.91 9.37
C LEU A 55 3.00 13.90 10.00
N GLU A 56 2.34 13.50 11.08
CA GLU A 56 1.41 14.39 11.77
C GLU A 56 2.12 15.59 12.38
N VAL A 57 3.34 15.38 12.87
CA VAL A 57 4.19 16.43 13.43
C VAL A 57 4.72 17.32 12.30
N ILE A 58 5.16 16.70 11.23
CA ILE A 58 5.72 17.43 10.08
C ILE A 58 4.71 18.39 9.45
N LEU A 59 3.43 18.01 9.45
CA LEU A 59 2.41 18.86 8.85
C LEU A 59 2.14 20.20 9.54
N LYS A 60 2.48 20.33 10.82
CA LYS A 60 2.09 21.53 11.54
C LYS A 60 2.74 22.77 10.96
N GLY A 61 1.92 23.81 10.82
CA GLY A 61 2.36 25.10 10.29
C GLY A 61 2.31 25.24 8.78
N ARG A 62 2.09 24.14 8.06
CA ARG A 62 2.08 24.17 6.60
C ARG A 62 0.73 24.56 6.00
N ASP A 63 0.71 24.77 4.69
CA ASP A 63 -0.50 25.20 4.00
C ASP A 63 -1.41 23.99 3.75
N PRO A 64 -2.70 24.08 4.13
CA PRO A 64 -3.63 22.95 3.92
C PRO A 64 -3.72 22.48 2.47
N ARG A 65 -3.54 23.39 1.51
CA ARG A 65 -3.58 23.04 0.09
C ARG A 65 -2.43 22.11 -0.32
N ASP A 66 -1.33 22.14 0.43
CA ASP A 66 -0.16 21.29 0.17
C ASP A 66 -0.22 19.93 0.87
N ALA A 67 -1.15 19.77 1.80
CA ALA A 67 -1.09 18.64 2.74
C ALA A 67 -1.21 17.32 2.03
N TRP A 68 -2.04 17.25 0.99
CA TRP A 68 -2.30 16.01 0.29
C TRP A 68 -1.01 15.35 -0.18
N ALA A 69 -0.04 16.18 -0.60
CA ALA A 69 1.22 15.66 -1.19
C ALA A 69 2.09 15.03 -0.10
N PHE A 70 2.14 15.66 1.07
CA PHE A 70 2.85 15.13 2.23
C PHE A 70 2.25 13.82 2.67
N VAL A 71 0.94 13.82 2.93
CA VAL A 71 0.31 12.63 3.49
C VAL A 71 0.20 11.50 2.48
N GLU A 72 0.23 11.83 1.19
CA GLU A 72 0.24 10.79 0.17
C GLU A 72 1.44 9.86 0.40
N ARG A 73 2.54 10.44 0.89
CA ARG A 73 3.76 9.70 1.14
C ARG A 73 3.77 8.93 2.47
N ILE A 74 2.62 8.87 3.15
CA ILE A 74 2.42 7.87 4.18
C ILE A 74 2.62 6.47 3.57
N CYS A 75 2.20 6.28 2.32
CA CYS A 75 2.23 4.95 1.73
C CYS A 75 2.20 4.94 0.20
N GLY A 76 3.18 4.25 -0.38
CA GLY A 76 3.28 4.08 -1.83
C GLY A 76 2.51 2.88 -2.37
N VAL A 77 2.03 2.02 -1.47
CA VAL A 77 1.22 0.87 -1.85
C VAL A 77 -0.24 1.30 -1.98
N CYS A 78 -0.80 1.85 -0.91
CA CYS A 78 -2.14 2.45 -0.98
C CYS A 78 -2.04 3.89 -1.47
N THR A 79 -1.37 4.05 -2.59
CA THR A 79 -0.97 5.38 -3.05
C THR A 79 -2.16 6.18 -3.56
N GLY A 80 -2.31 7.37 -2.98
CA GLY A 80 -3.41 8.26 -3.36
C GLY A 80 -4.58 8.27 -2.39
N CYS A 81 -4.79 7.19 -1.63
CA CYS A 81 -5.94 7.17 -0.71
C CYS A 81 -5.80 8.21 0.39
N HIS A 82 -4.57 8.46 0.87
CA HIS A 82 -4.30 9.58 1.80
C HIS A 82 -4.45 10.96 1.17
N ALA A 83 -4.05 11.11 -0.09
CA ALA A 83 -4.26 12.38 -0.80
C ALA A 83 -5.76 12.68 -0.89
N LEU A 84 -6.55 11.66 -1.22
CA LEU A 84 -8.01 11.82 -1.29
C LEU A 84 -8.60 12.21 0.06
N ALA A 85 -8.18 11.52 1.12
CA ALA A 85 -8.65 11.86 2.46
C ALA A 85 -8.32 13.32 2.81
N SER A 86 -7.13 13.75 2.42
CA SER A 86 -6.64 15.08 2.75
C SER A 86 -7.45 16.15 2.04
N VAL A 87 -7.61 16.00 0.72
CA VAL A 87 -8.39 17.02 -0.02
C VAL A 87 -9.85 17.05 0.45
N ARG A 88 -10.40 15.88 0.80
CA ARG A 88 -11.73 15.80 1.36
C ARG A 88 -11.81 16.50 2.71
N ALA A 89 -10.78 16.32 3.55
CA ALA A 89 -10.76 16.94 4.87
C ALA A 89 -10.69 18.48 4.75
N VAL A 90 -9.86 18.98 3.84
CA VAL A 90 -9.70 20.43 3.66
C VAL A 90 -10.97 21.02 3.06
N GLU A 91 -11.54 20.35 2.07
CA GLU A 91 -12.81 20.77 1.47
C GLU A 91 -13.94 20.78 2.50
N ASN A 92 -13.92 19.81 3.42
CA ASN A 92 -14.91 19.75 4.49
C ASN A 92 -14.74 20.93 5.44
N ALA A 93 -13.50 21.24 5.78
CA ALA A 93 -13.20 22.37 6.68
C ALA A 93 -13.59 23.71 6.08
N LEU A 94 -13.36 23.86 4.78
CA LEU A 94 -13.54 25.14 4.11
C LEU A 94 -14.87 25.26 3.37
N ASP A 95 -15.73 24.25 3.50
CA ASP A 95 -17.06 24.22 2.87
C ASP A 95 -16.97 24.37 1.34
N ILE A 96 -16.13 23.52 0.74
CA ILE A 96 -15.93 23.47 -0.71
C ILE A 96 -16.64 22.24 -1.28
N ARG A 97 -17.50 22.46 -2.26
CA ARG A 97 -18.12 21.39 -3.03
C ARG A 97 -17.44 21.27 -4.38
N ILE A 98 -16.92 20.09 -4.68
CA ILE A 98 -16.23 19.88 -5.95
C ILE A 98 -17.20 19.57 -7.10
N PRO A 99 -16.80 19.90 -8.35
CA PRO A 99 -17.69 19.60 -9.49
C PRO A 99 -17.85 18.10 -9.74
N LYS A 100 -18.94 17.75 -10.38
CA LYS A 100 -19.27 16.35 -10.67
C LYS A 100 -18.14 15.58 -11.36
N ASN A 101 -17.49 16.17 -12.36
CA ASN A 101 -16.40 15.47 -13.04
C ASN A 101 -15.22 15.17 -12.11
N ALA A 102 -14.92 16.09 -11.19
CA ALA A 102 -13.85 15.86 -10.21
C ALA A 102 -14.24 14.70 -9.30
N HIS A 103 -15.50 14.69 -8.88
CA HIS A 103 -16.02 13.59 -8.08
C HIS A 103 -15.78 12.25 -8.78
N LEU A 104 -16.21 12.15 -10.03
CA LEU A 104 -16.15 10.89 -10.78
C LEU A 104 -14.73 10.44 -11.08
N ILE A 105 -13.85 11.40 -11.40
CA ILE A 105 -12.44 11.11 -11.65
C ILE A 105 -11.77 10.60 -10.36
N ARG A 106 -11.99 11.29 -9.24
CA ARG A 106 -11.50 10.79 -7.94
C ARG A 106 -12.01 9.36 -7.63
N GLU A 107 -13.29 9.11 -7.89
CA GLU A 107 -13.82 7.76 -7.68
C GLU A 107 -13.17 6.72 -8.55
N ILE A 108 -12.94 7.06 -9.82
CA ILE A 108 -12.27 6.14 -10.74
C ILE A 108 -10.85 5.86 -10.26
N MET A 109 -10.15 6.90 -9.79
CA MET A 109 -8.78 6.71 -9.27
C MET A 109 -8.80 5.79 -8.03
N ALA A 110 -9.77 6.00 -7.14
CA ALA A 110 -9.87 5.25 -5.90
C ALA A 110 -10.13 3.77 -6.19
N LYS A 111 -11.04 3.53 -7.14
CA LYS A 111 -11.41 2.14 -7.49
C LYS A 111 -10.30 1.43 -8.26
N THR A 112 -9.53 2.18 -9.04
CA THR A 112 -8.31 1.66 -9.68
C THR A 112 -7.30 1.21 -8.62
N LEU A 113 -7.09 2.04 -7.60
CA LEU A 113 -6.19 1.67 -6.51
C LEU A 113 -6.68 0.39 -5.83
N GLN A 114 -7.98 0.29 -5.58
CA GLN A 114 -8.55 -0.88 -4.90
C GLN A 114 -8.18 -2.13 -5.65
N VAL A 115 -8.45 -2.13 -6.96
CA VAL A 115 -8.17 -3.29 -7.77
C VAL A 115 -6.67 -3.60 -7.81
N HIS A 116 -5.84 -2.58 -8.01
CA HIS A 116 -4.40 -2.82 -8.15
C HIS A 116 -3.84 -3.37 -6.83
N ASP A 117 -4.22 -2.71 -5.74
CA ASP A 117 -3.74 -3.07 -4.41
C ASP A 117 -4.18 -4.48 -4.03
N HIS A 118 -5.46 -4.81 -4.21
CA HIS A 118 -5.98 -6.13 -3.85
C HIS A 118 -5.35 -7.26 -4.64
N ALA A 119 -5.31 -7.12 -5.96
CA ALA A 119 -4.78 -8.17 -6.83
C ALA A 119 -3.28 -8.38 -6.63
N VAL A 120 -2.50 -7.31 -6.50
CA VAL A 120 -1.07 -7.44 -6.21
C VAL A 120 -0.86 -8.07 -4.84
N HIS A 121 -1.64 -7.64 -3.85
CA HIS A 121 -1.52 -8.22 -2.54
C HIS A 121 -1.70 -9.75 -2.61
N PHE A 122 -2.78 -10.19 -3.24
CA PHE A 122 -3.08 -11.61 -3.18
C PHE A 122 -1.98 -12.43 -3.87
N TYR A 123 -1.60 -12.04 -5.09
CA TYR A 123 -0.64 -12.85 -5.83
C TYR A 123 0.78 -12.70 -5.31
N HIS A 124 1.21 -11.49 -5.04
CA HIS A 124 2.62 -11.25 -4.76
C HIS A 124 3.02 -11.28 -3.30
N LEU A 125 2.07 -11.04 -2.41
CA LEU A 125 2.35 -11.05 -0.98
C LEU A 125 1.70 -12.24 -0.26
N HIS A 126 0.45 -12.56 -0.61
CA HIS A 126 -0.32 -13.56 0.13
C HIS A 126 -0.17 -14.98 -0.41
N ALA A 127 -0.07 -15.13 -1.73
CA ALA A 127 -0.20 -16.45 -2.38
C ALA A 127 0.77 -17.49 -1.83
N LEU A 128 2.00 -17.07 -1.53
CA LEU A 128 3.04 -17.99 -1.06
C LEU A 128 2.77 -18.58 0.34
N ASP A 129 1.74 -18.09 1.06
CA ASP A 129 1.27 -18.73 2.30
C ASP A 129 0.32 -19.88 2.05
N TRP A 130 -0.24 -19.95 0.84
CA TRP A 130 -1.20 -21.00 0.48
C TRP A 130 -0.64 -21.94 -0.57
N VAL A 131 0.31 -21.46 -1.37
CA VAL A 131 0.85 -22.12 -2.54
C VAL A 131 2.31 -22.50 -2.27
N ASP A 132 2.64 -23.77 -2.51
CA ASP A 132 4.00 -24.29 -2.43
C ASP A 132 4.60 -24.27 -3.85
N VAL A 133 5.53 -23.34 -4.10
CA VAL A 133 6.13 -23.17 -5.43
C VAL A 133 6.93 -24.40 -5.88
N MET A 134 7.53 -25.10 -4.92
CA MET A 134 8.33 -26.29 -5.22
C MET A 134 7.43 -27.47 -5.63
N SER A 135 6.22 -27.52 -5.09
CA SER A 135 5.24 -28.53 -5.49
C SER A 135 4.72 -28.29 -6.93
N ALA A 136 4.74 -27.04 -7.39
CA ALA A 136 4.42 -26.71 -8.78
C ALA A 136 5.36 -27.35 -9.79
N LEU A 137 6.64 -27.54 -9.42
CA LEU A 137 7.62 -28.26 -10.27
C LEU A 137 7.20 -29.69 -10.61
N LYS A 138 6.48 -30.34 -9.70
CA LYS A 138 6.06 -31.72 -9.87
C LYS A 138 4.67 -31.89 -10.52
N ALA A 139 4.04 -30.79 -10.93
CA ALA A 139 2.71 -30.85 -11.53
C ALA A 139 2.75 -31.43 -12.93
N ASP A 140 1.65 -32.08 -13.31
CA ASP A 140 1.41 -32.52 -14.68
C ASP A 140 0.79 -31.36 -15.45
N PRO A 141 1.44 -30.89 -16.53
CA PRO A 141 0.90 -29.79 -17.33
C PRO A 141 -0.50 -30.02 -17.89
N LYS A 142 -0.80 -31.27 -18.27
CA LYS A 142 -2.10 -31.63 -18.80
C LYS A 142 -3.17 -31.49 -17.73
N ARG A 143 -2.88 -31.97 -16.53
CA ARG A 143 -3.84 -31.92 -15.43
C ARG A 143 -4.01 -30.51 -14.91
N THR A 144 -2.97 -29.69 -15.07
CA THR A 144 -3.05 -28.25 -14.74
C THR A 144 -3.99 -27.52 -15.71
N SER A 145 -3.82 -27.78 -17.00
CA SER A 145 -4.78 -27.28 -18.00
C SER A 145 -6.23 -27.70 -17.70
N GLU A 146 -6.42 -28.96 -17.31
CA GLU A 146 -7.75 -29.47 -16.95
C GLU A 146 -8.31 -28.76 -15.72
N LEU A 147 -7.44 -28.50 -14.75
CA LEU A 147 -7.84 -27.77 -13.54
C LEU A 147 -8.25 -26.36 -13.89
N GLN A 148 -7.43 -25.69 -14.71
CA GLN A 148 -7.68 -24.33 -15.15
C GLN A 148 -9.07 -24.20 -15.77
N GLN A 149 -9.36 -25.08 -16.71
CA GLN A 149 -10.66 -25.10 -17.38
C GLN A 149 -11.86 -25.36 -16.45
N LEU A 150 -11.64 -26.09 -15.35
CA LEU A 150 -12.70 -26.22 -14.32
C LEU A 150 -12.83 -24.98 -13.47
N VAL A 151 -11.69 -24.46 -12.99
CA VAL A 151 -11.67 -23.27 -12.10
C VAL A 151 -12.21 -22.02 -12.81
N SER A 152 -11.84 -21.84 -14.07
CA SER A 152 -12.23 -20.64 -14.82
C SER A 152 -12.33 -20.96 -16.30
N PRO A 153 -13.48 -21.50 -16.75
CA PRO A 153 -13.63 -21.85 -18.18
C PRO A 153 -13.32 -20.73 -19.15
N ALA A 154 -13.69 -19.49 -18.82
CA ALA A 154 -13.53 -18.38 -19.76
C ALA A 154 -12.10 -17.81 -19.86
N HIS A 155 -11.19 -18.23 -18.97
CA HIS A 155 -9.81 -17.75 -19.05
C HIS A 155 -9.08 -18.37 -20.26
N PRO A 156 -8.70 -17.57 -21.26
CA PRO A 156 -8.14 -18.14 -22.50
C PRO A 156 -6.74 -18.76 -22.35
N LEU A 157 -5.94 -18.32 -21.38
CA LEU A 157 -4.57 -18.84 -21.20
C LEU A 157 -4.59 -20.13 -20.38
N SER A 158 -4.87 -21.25 -21.05
CA SER A 158 -5.22 -22.50 -20.35
C SER A 158 -4.68 -23.81 -20.95
N SER A 159 -3.81 -23.74 -21.98
CA SER A 159 -3.33 -24.95 -22.67
C SER A 159 -2.22 -25.62 -21.87
N ALA A 160 -2.03 -26.92 -22.12
CA ALA A 160 -0.99 -27.70 -21.45
C ALA A 160 0.42 -27.19 -21.75
N GLY A 161 0.67 -26.78 -23.00
CA GLY A 161 1.96 -26.23 -23.42
C GLY A 161 2.31 -24.91 -22.77
N TYR A 162 1.30 -24.05 -22.57
CA TYR A 162 1.49 -22.80 -21.83
C TYR A 162 1.94 -23.09 -20.40
N PHE A 163 1.26 -24.01 -19.72
CA PHE A 163 1.67 -24.41 -18.35
C PHE A 163 3.04 -25.11 -18.27
N ARG A 164 3.35 -25.97 -19.23
CA ARG A 164 4.66 -26.63 -19.27
C ARG A 164 5.81 -25.63 -19.45
N ASP A 165 5.59 -24.64 -20.32
CA ASP A 165 6.54 -23.55 -20.57
C ASP A 165 6.80 -22.75 -19.28
N ILE A 166 5.73 -22.41 -18.57
CA ILE A 166 5.87 -21.69 -17.32
C ILE A 166 6.60 -22.59 -16.32
N GLN A 167 6.25 -23.87 -16.29
CA GLN A 167 6.90 -24.83 -15.39
C GLN A 167 8.41 -24.95 -15.66
N ASN A 168 8.79 -25.01 -16.93
CA ASN A 168 10.20 -25.15 -17.30
C ASN A 168 11.03 -23.93 -16.93
N ARG A 169 10.46 -22.74 -17.08
CA ARG A 169 11.15 -21.52 -16.65
C ARG A 169 11.36 -21.52 -15.13
N LEU A 170 10.35 -21.96 -14.40
CA LEU A 170 10.48 -22.08 -12.95
C LEU A 170 11.54 -23.14 -12.60
N LYS A 171 11.47 -24.28 -13.28
CA LYS A 171 12.43 -25.38 -13.03
C LYS A 171 13.89 -24.93 -13.21
N ARG A 172 14.12 -24.14 -14.27
CA ARG A 172 15.45 -23.63 -14.58
C ARG A 172 15.93 -22.65 -13.52
N PHE A 173 15.03 -21.74 -13.12
CA PHE A 173 15.30 -20.76 -12.06
C PHE A 173 15.73 -21.46 -10.77
N VAL A 174 15.00 -22.49 -10.39
CA VAL A 174 15.29 -23.26 -9.16
C VAL A 174 16.62 -24.01 -9.28
N GLU A 175 16.79 -24.74 -10.40
CA GLU A 175 18.00 -25.55 -10.61
C GLU A 175 19.29 -24.74 -10.77
N SER A 176 19.17 -23.42 -10.93
CA SER A 176 20.34 -22.53 -10.89
C SER A 176 21.00 -22.41 -9.51
N GLY A 177 20.32 -22.82 -8.44
CA GLY A 177 20.86 -22.67 -7.08
C GLY A 177 20.73 -21.27 -6.48
N GLN A 178 20.21 -20.34 -7.27
CA GLN A 178 19.92 -18.98 -6.81
C GLN A 178 18.40 -18.80 -6.79
N LEU A 179 17.80 -19.11 -5.65
CA LEU A 179 16.34 -19.15 -5.51
C LEU A 179 15.70 -17.78 -5.30
N GLY A 180 16.51 -16.77 -5.02
CA GLY A 180 16.02 -15.39 -4.94
C GLY A 180 14.91 -15.27 -3.92
N PRO A 181 13.74 -14.75 -4.33
CA PRO A 181 12.60 -14.61 -3.41
C PRO A 181 12.09 -15.91 -2.80
N PHE A 182 12.43 -17.07 -3.38
CA PHE A 182 12.02 -18.38 -2.82
C PHE A 182 13.06 -18.99 -1.88
N MET A 183 14.18 -18.31 -1.69
CA MET A 183 15.25 -18.79 -0.82
C MET A 183 14.82 -19.01 0.65
N ASN A 184 15.17 -20.17 1.21
CA ASN A 184 14.89 -20.51 2.62
C ASN A 184 13.40 -20.51 2.96
N GLY A 185 12.56 -20.82 1.98
CA GLY A 185 11.13 -20.85 2.17
C GLY A 185 10.72 -22.05 2.98
N TYR A 186 9.41 -22.17 3.22
CA TYR A 186 8.86 -23.24 4.07
C TYR A 186 8.26 -24.36 3.25
N TRP A 187 8.78 -24.53 2.03
CA TRP A 187 8.24 -25.45 1.03
C TRP A 187 8.31 -26.86 1.60
N GLY A 188 7.24 -27.62 1.38
CA GLY A 188 7.14 -28.99 1.90
C GLY A 188 6.50 -29.09 3.26
N SER A 189 6.21 -27.95 3.92
CA SER A 189 5.51 -27.96 5.20
C SER A 189 4.14 -28.62 5.03
N LYS A 190 3.72 -29.35 6.06
CA LYS A 190 2.38 -29.95 6.05
C LYS A 190 1.29 -28.89 6.17
N ALA A 191 1.66 -27.63 6.46
CA ALA A 191 0.70 -26.51 6.38
C ALA A 191 0.16 -26.28 4.96
N TYR A 192 0.92 -26.70 3.95
CA TYR A 192 0.50 -26.62 2.56
C TYR A 192 -0.37 -27.82 2.19
N VAL A 193 -1.56 -27.56 1.63
CA VAL A 193 -2.49 -28.64 1.31
C VAL A 193 -2.83 -28.79 -0.17
N LEU A 194 -2.49 -27.81 -1.02
CA LEU A 194 -2.90 -27.85 -2.43
C LEU A 194 -2.19 -28.98 -3.18
N PRO A 195 -2.84 -29.54 -4.20
CA PRO A 195 -2.13 -30.46 -5.09
C PRO A 195 -1.17 -29.73 -6.05
N PRO A 196 -0.20 -30.44 -6.62
CA PRO A 196 0.76 -29.84 -7.55
C PRO A 196 0.14 -28.97 -8.65
N GLU A 197 -0.98 -29.41 -9.20
CA GLU A 197 -1.61 -28.74 -10.33
C GLU A 197 -2.12 -27.35 -9.94
N ALA A 198 -2.78 -27.29 -8.79
CA ALA A 198 -3.25 -26.01 -8.22
C ALA A 198 -2.08 -25.05 -7.95
N ASN A 199 -0.98 -25.59 -7.42
CA ASN A 199 0.22 -24.76 -7.19
C ASN A 199 0.78 -24.17 -8.46
N LEU A 200 0.85 -24.98 -9.52
CA LEU A 200 1.36 -24.51 -10.80
C LEU A 200 0.42 -23.49 -11.44
N MET A 201 -0.89 -23.71 -11.31
CA MET A 201 -1.88 -22.74 -11.77
C MET A 201 -1.67 -21.39 -11.08
N ALA A 202 -1.49 -21.42 -9.76
CA ALA A 202 -1.33 -20.20 -8.97
C ALA A 202 -0.04 -19.45 -9.28
N VAL A 203 1.07 -20.18 -9.45
CA VAL A 203 2.35 -19.60 -9.82
C VAL A 203 2.26 -18.94 -11.21
N THR A 204 1.56 -19.58 -12.13
CA THR A 204 1.35 -19.01 -13.45
C THR A 204 0.62 -17.68 -13.36
N HIS A 205 -0.40 -17.64 -12.53
CA HIS A 205 -1.17 -16.41 -12.36
C HIS A 205 -0.38 -15.32 -11.63
N TYR A 206 0.51 -15.73 -10.73
CA TYR A 206 1.47 -14.84 -10.08
C TYR A 206 2.24 -14.06 -11.16
N LEU A 207 2.80 -14.80 -12.11
CA LEU A 207 3.58 -14.19 -13.17
C LEU A 207 2.70 -13.35 -14.11
N GLU A 208 1.48 -13.81 -14.38
CA GLU A 208 0.53 -13.04 -15.20
C GLU A 208 0.17 -11.70 -14.55
N ALA A 209 -0.20 -11.75 -13.27
CA ALA A 209 -0.59 -10.57 -12.51
C ALA A 209 0.55 -9.55 -12.46
N LEU A 210 1.78 -10.03 -12.28
CA LEU A 210 2.96 -9.14 -12.21
C LEU A 210 3.15 -8.33 -13.51
N ASP A 211 2.84 -8.94 -14.65
CA ASP A 211 2.91 -8.23 -15.93
C ASP A 211 1.73 -7.28 -16.14
N LEU A 212 0.54 -7.73 -15.75
CA LEU A 212 -0.70 -6.96 -16.00
C LEU A 212 -0.89 -5.76 -15.09
N GLN A 213 -0.39 -5.86 -13.86
CA GLN A 213 -0.64 -4.80 -12.87
C GLN A 213 -0.13 -3.43 -13.29
N LYS A 214 0.96 -3.40 -14.07
CA LYS A 214 1.51 -2.14 -14.57
C LYS A 214 0.63 -1.46 -15.62
N GLU A 215 -0.28 -2.21 -16.26
CA GLU A 215 -1.23 -1.62 -17.20
C GLU A 215 -2.36 -0.89 -16.49
N TRP A 216 -2.86 -1.46 -15.39
CA TRP A 216 -4.02 -0.92 -14.67
C TRP A 216 -3.78 0.49 -14.13
N VAL A 217 -2.58 0.71 -13.61
CA VAL A 217 -2.25 1.99 -13.00
C VAL A 217 -2.10 3.14 -14.02
N LYS A 218 -2.15 2.83 -15.32
CA LYS A 218 -2.09 3.91 -16.32
C LYS A 218 -3.32 4.84 -16.24
N ILE A 219 -4.39 4.36 -15.61
CA ILE A 219 -5.55 5.23 -15.30
C ILE A 219 -5.12 6.40 -14.36
N HIS A 220 -4.36 6.05 -13.33
CA HIS A 220 -3.79 7.05 -12.44
C HIS A 220 -2.89 8.01 -13.22
N THR A 221 -2.10 7.48 -14.13
CA THR A 221 -1.16 8.30 -14.87
C THR A 221 -1.87 9.33 -15.74
N ILE A 222 -2.99 8.95 -16.34
CA ILE A 222 -3.77 9.88 -17.16
C ILE A 222 -4.34 11.01 -16.31
N PHE A 223 -5.01 10.67 -15.23
CA PHE A 223 -5.70 11.67 -14.43
C PHE A 223 -4.81 12.40 -13.44
N GLY A 224 -3.77 11.71 -12.97
CA GLY A 224 -2.91 12.19 -11.88
C GLY A 224 -1.42 12.29 -12.21
N GLY A 225 -1.06 12.01 -13.47
CA GLY A 225 0.30 12.28 -13.97
C GLY A 225 1.30 11.15 -13.83
N LYS A 226 1.17 10.36 -12.76
CA LYS A 226 2.15 9.34 -12.43
C LYS A 226 1.56 8.31 -11.47
N ASN A 227 2.17 7.12 -11.46
CA ASN A 227 1.91 6.12 -10.41
C ASN A 227 3.22 5.39 -10.15
N PRO A 228 3.67 5.26 -8.89
CA PRO A 228 2.96 5.72 -7.68
C PRO A 228 2.86 7.22 -7.50
N HIS A 229 2.02 7.61 -6.55
CA HIS A 229 1.89 9.01 -6.06
C HIS A 229 1.32 10.01 -7.07
N PRO A 230 0.11 9.73 -7.58
CA PRO A 230 -0.54 10.66 -8.49
C PRO A 230 -0.93 11.97 -7.80
N ASN A 231 -1.09 13.02 -8.59
CA ASN A 231 -1.40 14.31 -8.04
C ASN A 231 -2.90 14.52 -7.82
N TYR A 232 -3.20 15.24 -6.76
CA TYR A 232 -4.56 15.61 -6.36
C TYR A 232 -4.66 17.13 -6.26
N LEU A 233 -5.82 17.64 -5.89
CA LEU A 233 -6.03 19.08 -5.80
C LEU A 233 -7.20 19.39 -4.88
N VAL A 234 -7.00 20.33 -3.96
CA VAL A 234 -8.10 20.84 -3.14
C VAL A 234 -9.03 21.67 -4.04
N GLY A 235 -10.28 21.25 -4.10
CA GLY A 235 -11.27 21.91 -4.94
C GLY A 235 -11.61 21.16 -6.21
N GLY A 236 -10.85 20.13 -6.57
CA GLY A 236 -11.24 19.29 -7.72
C GLY A 236 -10.14 18.37 -8.20
N VAL A 237 -9.87 18.38 -9.51
CA VAL A 237 -8.75 17.63 -10.08
C VAL A 237 -7.96 18.56 -11.03
N PRO A 238 -6.64 18.34 -11.19
CA PRO A 238 -5.87 19.18 -12.12
C PRO A 238 -6.07 18.87 -13.60
N CYS A 239 -6.66 17.73 -13.92
CA CYS A 239 -6.67 17.25 -15.31
C CYS A 239 -7.84 17.84 -16.08
N ALA A 240 -7.61 19.07 -16.55
CA ALA A 240 -8.63 19.85 -17.26
C ALA A 240 -9.09 19.15 -18.56
N ILE A 241 -10.34 19.41 -18.92
CA ILE A 241 -11.01 18.70 -20.01
C ILE A 241 -11.24 19.58 -21.25
N ASN A 242 -10.92 19.04 -22.41
CA ASN A 242 -11.30 19.64 -23.70
C ASN A 242 -11.32 18.56 -24.79
N LEU A 243 -12.41 18.46 -25.52
CA LEU A 243 -12.51 17.49 -26.61
C LEU A 243 -12.19 18.05 -27.99
N ASP A 244 -12.79 19.19 -28.31
CA ASP A 244 -12.82 19.69 -29.68
C ASP A 244 -11.53 20.40 -30.07
N ALA A 248 -8.99 19.72 -28.46
CA ALA A 248 -7.56 19.86 -28.67
C ALA A 248 -6.77 18.56 -28.36
N ALA A 249 -5.53 18.51 -28.84
CA ALA A 249 -4.54 17.55 -28.33
C ALA A 249 -3.91 18.06 -27.02
N SER A 250 -4.19 19.32 -26.68
CA SER A 250 -3.48 20.07 -25.65
C SER A 250 -4.19 20.14 -24.29
N ALA A 251 -5.28 19.41 -24.11
CA ALA A 251 -5.90 19.28 -22.78
C ALA A 251 -5.46 17.97 -22.10
N PRO A 252 -5.24 18.00 -20.77
CA PRO A 252 -4.98 16.74 -20.07
C PRO A 252 -6.01 15.61 -20.34
N VAL A 253 -7.29 15.96 -20.41
CA VAL A 253 -8.32 14.96 -20.70
C VAL A 253 -9.08 15.33 -21.97
N ASN A 254 -9.01 14.43 -22.94
CA ASN A 254 -9.80 14.50 -24.18
C ASN A 254 -10.40 13.11 -24.43
N MET A 255 -11.18 12.95 -25.50
CA MET A 255 -11.88 11.69 -25.76
CA MET A 255 -11.88 11.68 -25.72
C MET A 255 -10.92 10.51 -25.96
N GLU A 256 -9.79 10.75 -26.62
CA GLU A 256 -8.80 9.69 -26.81
C GLU A 256 -8.25 9.19 -25.46
N ARG A 257 -7.92 10.11 -24.55
CA ARG A 257 -7.47 9.74 -23.20
C ARG A 257 -8.57 8.97 -22.45
N LEU A 258 -9.82 9.42 -22.57
CA LEU A 258 -10.94 8.71 -21.93
C LEU A 258 -11.16 7.30 -22.53
N SER A 259 -11.01 7.15 -23.85
CA SER A 259 -11.10 5.83 -24.48
C SER A 259 -9.99 4.88 -24.01
N PHE A 260 -8.80 5.44 -23.78
CA PHE A 260 -7.69 4.67 -23.22
C PHE A 260 -8.00 4.17 -21.81
N VAL A 261 -8.56 5.05 -20.98
CA VAL A 261 -8.98 4.66 -19.63
C VAL A 261 -10.01 3.52 -19.71
N LYS A 262 -11.01 3.66 -20.59
CA LYS A 262 -12.03 2.61 -20.75
C LYS A 262 -11.42 1.25 -21.13
N ALA A 263 -10.46 1.26 -22.05
CA ALA A 263 -9.77 0.02 -22.42
C ALA A 263 -9.06 -0.63 -21.22
N ARG A 264 -8.46 0.19 -20.34
CA ARG A 264 -7.82 -0.34 -19.12
C ARG A 264 -8.86 -0.91 -18.16
N ILE A 265 -10.01 -0.24 -18.02
CA ILE A 265 -11.09 -0.70 -17.16
C ILE A 265 -11.61 -2.07 -17.62
N ASP A 266 -11.82 -2.22 -18.92
CA ASP A 266 -12.32 -3.48 -19.48
C ASP A 266 -11.34 -4.64 -19.23
N GLU A 267 -10.04 -4.35 -19.28
CA GLU A 267 -9.01 -5.34 -18.94
C GLU A 267 -9.08 -5.77 -17.47
N ILE A 268 -9.31 -4.81 -16.58
CA ILE A 268 -9.47 -5.06 -15.15
C ILE A 268 -10.66 -5.98 -14.89
N ILE A 269 -11.79 -5.69 -15.52
CA ILE A 269 -13.00 -6.49 -15.32
C ILE A 269 -12.75 -7.94 -15.72
N GLU A 270 -12.04 -8.15 -16.81
CA GLU A 270 -11.73 -9.49 -17.29
C GLU A 270 -10.82 -10.22 -16.30
N PHE A 271 -9.80 -9.54 -15.82
CA PHE A 271 -8.87 -10.17 -14.88
C PHE A 271 -9.57 -10.57 -13.57
N ASN A 272 -10.38 -9.69 -13.02
CA ASN A 272 -11.07 -9.99 -11.76
C ASN A 272 -11.99 -11.18 -11.89
N LYS A 273 -12.75 -11.22 -12.98
CA LYS A 273 -13.74 -12.27 -13.20
C LYS A 273 -13.09 -13.62 -13.59
N ASN A 274 -12.00 -13.59 -14.36
CA ASN A 274 -11.47 -14.85 -14.94
C ASN A 274 -10.25 -15.44 -14.21
N VAL A 275 -9.52 -14.59 -13.47
CA VAL A 275 -8.29 -15.02 -12.83
C VAL A 275 -8.45 -14.93 -11.32
N TYR A 276 -8.63 -13.72 -10.80
CA TYR A 276 -8.52 -13.44 -9.38
C TYR A 276 -9.62 -14.09 -8.54
N VAL A 277 -10.88 -13.76 -8.81
CA VAL A 277 -11.99 -14.31 -8.02
C VAL A 277 -12.01 -15.85 -8.10
N PRO A 278 -11.91 -16.43 -9.31
CA PRO A 278 -11.92 -17.90 -9.37
C PRO A 278 -10.78 -18.61 -8.65
N ASP A 279 -9.56 -18.03 -8.68
CA ASP A 279 -8.42 -18.58 -7.93
C ASP A 279 -8.68 -18.60 -6.43
N VAL A 280 -9.26 -17.52 -5.91
CA VAL A 280 -9.48 -17.40 -4.48
C VAL A 280 -10.60 -18.35 -4.04
N LEU A 281 -11.63 -18.50 -4.87
CA LEU A 281 -12.69 -19.47 -4.61
C LEU A 281 -12.13 -20.90 -4.59
N ALA A 282 -11.27 -21.23 -5.55
CA ALA A 282 -10.71 -22.59 -5.64
C ALA A 282 -9.75 -22.89 -4.50
N ILE A 283 -8.80 -21.99 -4.25
CA ILE A 283 -7.87 -22.15 -3.14
C ILE A 283 -8.63 -22.19 -1.81
N GLY A 284 -9.63 -21.31 -1.67
CA GLY A 284 -10.45 -21.27 -0.47
C GLY A 284 -11.22 -22.54 -0.22
N THR A 285 -11.74 -23.12 -1.30
CA THR A 285 -12.46 -24.39 -1.22
C THR A 285 -11.55 -25.50 -0.70
N LEU A 286 -10.35 -25.58 -1.25
CA LEU A 286 -9.43 -26.66 -0.89
C LEU A 286 -8.94 -26.53 0.56
N TYR A 287 -8.69 -25.30 1.03
CA TYR A 287 -8.31 -25.13 2.44
C TYR A 287 -9.53 -25.34 3.38
N LYS A 288 -10.72 -25.02 2.91
CA LYS A 288 -11.95 -25.32 3.63
C LYS A 288 -12.10 -26.83 3.79
N GLN A 289 -11.86 -27.57 2.71
CA GLN A 289 -11.91 -29.04 2.75
C GLN A 289 -10.93 -29.65 3.76
N ALA A 290 -9.77 -29.01 3.92
CA ALA A 290 -8.78 -29.39 4.94
C ALA A 290 -9.16 -28.96 6.36
N GLY A 291 -10.25 -28.22 6.52
CA GLY A 291 -10.72 -27.78 7.83
C GLY A 291 -10.00 -26.54 8.37
N TRP A 292 -9.33 -25.76 7.52
CA TRP A 292 -8.53 -24.62 7.98
C TRP A 292 -9.39 -23.36 8.00
N LEU A 293 -10.26 -23.28 9.01
CA LEU A 293 -11.25 -22.19 9.14
C LEU A 293 -10.85 -21.22 10.26
N TYR A 294 -9.57 -21.22 10.61
CA TYR A 294 -9.03 -20.33 11.64
C TYR A 294 -8.91 -18.88 11.19
N GLY A 295 -8.66 -17.99 12.15
CA GLY A 295 -8.31 -16.62 11.87
C GLY A 295 -9.43 -15.60 11.90
N GLY A 296 -10.61 -15.99 12.38
CA GLY A 296 -11.76 -15.10 12.44
C GLY A 296 -11.56 -13.87 13.30
N GLY A 297 -10.96 -14.06 14.48
CA GLY A 297 -10.61 -12.96 15.36
C GLY A 297 -11.81 -12.10 15.68
N LEU A 298 -11.66 -10.78 15.52
CA LEU A 298 -12.75 -9.84 15.80
C LEU A 298 -13.86 -9.78 14.73
N ALA A 299 -13.62 -10.34 13.55
CA ALA A 299 -14.63 -10.34 12.49
C ALA A 299 -15.90 -11.10 12.90
N ALA A 300 -15.76 -12.06 13.79
CA ALA A 300 -16.91 -12.79 14.33
C ALA A 300 -17.82 -11.92 15.21
N THR A 301 -17.32 -10.79 15.71
CA THR A 301 -18.09 -9.92 16.61
C THR A 301 -18.23 -8.46 16.14
N ASN A 302 -17.10 -7.78 16.02
CA ASN A 302 -17.06 -6.32 15.89
C ASN A 302 -16.40 -5.86 14.61
N VAL A 303 -17.17 -5.21 13.73
CA VAL A 303 -16.64 -4.70 12.45
C VAL A 303 -17.09 -3.27 12.17
N LEU A 304 -16.26 -2.52 11.45
CA LEU A 304 -16.53 -1.09 11.22
C LEU A 304 -16.05 -0.67 9.85
N ASP A 305 -16.83 0.21 9.21
CA ASP A 305 -16.38 0.98 8.05
C ASP A 305 -17.16 2.30 7.99
N TYR A 306 -16.53 3.35 7.47
CA TYR A 306 -17.20 4.68 7.41
C TYR A 306 -18.30 4.75 6.34
N GLY A 307 -18.24 3.86 5.35
CA GLY A 307 -19.19 3.84 4.24
C GLY A 307 -18.64 4.68 3.10
N GLU A 308 -18.81 4.21 1.87
CA GLU A 308 -18.18 4.87 0.72
CA GLU A 308 -18.17 4.86 0.72
C GLU A 308 -18.92 4.62 -0.61
N TYR A 309 -18.59 5.43 -1.61
CA TYR A 309 -19.03 5.28 -2.99
C TYR A 309 -20.53 5.57 -3.14
N PRO A 310 -20.95 6.77 -2.77
CA PRO A 310 -22.36 7.12 -2.91
C PRO A 310 -22.74 7.24 -4.39
N ASN A 311 -23.90 6.69 -4.76
CA ASN A 311 -24.48 6.92 -6.11
C ASN A 311 -24.68 8.37 -6.44
N VAL A 312 -25.05 9.17 -5.43
CA VAL A 312 -25.28 10.59 -5.57
C VAL A 312 -24.27 11.29 -4.69
N ALA A 313 -23.47 12.15 -5.31
CA ALA A 313 -22.41 12.86 -4.63
C ALA A 313 -22.95 13.59 -3.41
N TYR A 314 -22.22 13.46 -2.30
CA TYR A 314 -22.53 14.12 -1.02
C TYR A 314 -23.80 13.59 -0.33
N ASN A 315 -24.27 12.39 -0.72
CA ASN A 315 -25.48 11.79 -0.17
C ASN A 315 -25.19 10.37 0.36
N LYS A 316 -24.97 10.31 1.66
CA LYS A 316 -24.38 9.14 2.29
C LYS A 316 -25.33 7.94 2.31
N SER A 317 -26.63 8.20 2.27
CA SER A 317 -27.62 7.13 2.19
C SER A 317 -27.50 6.29 0.93
N THR A 318 -26.86 6.82 -0.12
CA THR A 318 -26.68 6.09 -1.38
C THR A 318 -25.32 5.39 -1.48
N ASP A 319 -24.59 5.29 -0.37
CA ASP A 319 -23.32 4.53 -0.36
C ASP A 319 -23.46 3.10 -0.91
N GLN A 320 -22.60 2.75 -1.87
CA GLN A 320 -22.64 1.44 -2.52
C GLN A 320 -21.82 0.41 -1.74
N LEU A 321 -20.92 0.88 -0.87
CA LEU A 321 -20.42 0.05 0.25
C LEU A 321 -20.84 0.72 1.55
N PRO A 322 -22.09 0.45 1.98
CA PRO A 322 -22.65 1.18 3.13
C PRO A 322 -21.99 0.74 4.42
N GLY A 323 -21.67 1.71 5.27
CA GLY A 323 -20.89 1.46 6.46
C GLY A 323 -21.69 1.46 7.74
N GLY A 324 -20.97 1.67 8.83
CA GLY A 324 -21.52 1.63 10.15
C GLY A 324 -20.68 0.70 10.99
N ALA A 325 -21.28 0.25 12.08
CA ALA A 325 -20.61 -0.62 13.03
C ALA A 325 -21.56 -1.73 13.46
N ILE A 326 -20.99 -2.93 13.55
CA ILE A 326 -21.67 -4.11 14.10
C ILE A 326 -20.92 -4.54 15.35
N LEU A 327 -21.67 -4.89 16.39
CA LEU A 327 -21.09 -5.35 17.66
C LEU A 327 -21.64 -6.75 18.02
N ASN A 328 -20.82 -7.53 18.72
CA ASN A 328 -21.22 -8.81 19.31
C ASN A 328 -21.81 -9.85 18.34
N GLY A 329 -21.41 -9.77 17.07
CA GLY A 329 -21.89 -10.69 16.04
C GLY A 329 -23.35 -10.54 15.69
N ASN A 330 -23.94 -9.40 16.05
CA ASN A 330 -25.34 -9.16 15.76
C ASN A 330 -25.46 -8.44 14.41
N TRP A 331 -25.69 -9.24 13.37
CA TRP A 331 -25.77 -8.74 11.99
C TRP A 331 -27.13 -8.09 11.68
N ASP A 332 -28.08 -8.17 12.60
CA ASP A 332 -29.40 -7.56 12.41
C ASP A 332 -29.45 -6.09 12.85
N GLU A 333 -28.34 -5.58 13.39
CA GLU A 333 -28.29 -4.20 13.88
C GLU A 333 -26.99 -3.48 13.47
N VAL A 334 -27.09 -2.54 12.54
CA VAL A 334 -25.93 -1.74 12.15
C VAL A 334 -26.05 -0.37 12.82
N PHE A 335 -25.08 -0.02 13.65
CA PHE A 335 -25.03 1.30 14.27
C PHE A 335 -24.41 2.29 13.31
N PRO A 336 -24.94 3.51 13.25
CA PRO A 336 -24.32 4.52 12.39
C PRO A 336 -22.99 5.01 13.00
N VAL A 337 -22.02 5.35 12.15
CA VAL A 337 -20.71 5.82 12.61
C VAL A 337 -20.50 7.27 12.16
N ASP A 338 -20.13 8.12 13.11
CA ASP A 338 -19.97 9.55 12.84
C ASP A 338 -18.53 9.93 13.16
N PRO A 339 -17.72 10.20 12.13
CA PRO A 339 -16.36 10.63 12.44
C PRO A 339 -16.21 11.98 13.15
N ARG A 340 -17.29 12.76 13.25
CA ARG A 340 -17.27 14.06 13.94
C ARG A 340 -17.55 13.95 15.45
N ASP A 341 -18.09 12.81 15.89
CA ASP A 341 -18.54 12.62 17.28
C ASP A 341 -17.36 12.30 18.17
N SER A 342 -17.08 13.15 19.16
CA SER A 342 -15.90 12.97 20.01
C SER A 342 -15.94 11.71 20.89
N GLN A 343 -17.11 11.12 21.04
CA GLN A 343 -17.29 9.91 21.85
C GLN A 343 -17.25 8.60 21.03
N GLN A 344 -17.04 8.68 19.71
CA GLN A 344 -16.97 7.50 18.85
C GLN A 344 -15.52 7.08 18.56
N VAL A 345 -14.90 7.58 17.48
CA VAL A 345 -13.51 7.20 17.18
C VAL A 345 -12.55 7.87 18.17
N GLN A 346 -11.82 7.07 18.94
CA GLN A 346 -10.81 7.57 19.88
C GLN A 346 -9.56 6.72 19.82
N GLU A 347 -8.39 7.32 20.08
CA GLU A 347 -7.12 6.57 20.08
C GLU A 347 -6.45 6.60 21.45
N PHE A 348 -6.10 5.42 21.94
CA PHE A 348 -5.33 5.25 23.17
C PHE A 348 -3.85 5.07 22.86
N VAL A 349 -2.99 5.36 23.82
CA VAL A 349 -1.55 5.10 23.68
C VAL A 349 -0.98 4.36 24.89
N SER A 350 -1.86 3.74 25.68
CA SER A 350 -1.48 3.03 26.91
C SER A 350 -0.36 2.01 26.68
N HIS A 351 -0.41 1.33 25.53
CA HIS A 351 0.57 0.33 25.17
C HIS A 351 1.34 0.69 23.89
N SER A 352 1.36 1.97 23.55
CA SER A 352 2.05 2.49 22.36
C SER A 352 3.19 3.42 22.78
N TRP A 353 4.18 3.62 21.91
CA TRP A 353 5.36 4.46 22.22
C TRP A 353 5.07 5.95 21.99
N TYR A 354 4.02 6.43 22.65
CA TYR A 354 3.64 7.85 22.66
C TYR A 354 3.26 8.24 24.06
N LYS A 355 3.07 9.54 24.27
CA LYS A 355 2.64 10.05 25.56
CA LYS A 355 2.68 10.10 25.57
C LYS A 355 1.48 11.02 25.44
N TYR A 356 0.54 10.88 26.37
CA TYR A 356 -0.56 11.81 26.58
C TYR A 356 -0.42 12.31 28.01
N ALA A 357 -1.09 13.41 28.29
CA ALA A 357 -1.27 13.88 29.66
C ALA A 357 -1.87 12.79 30.53
N ASP A 358 -2.95 12.19 30.05
CA ASP A 358 -3.64 11.10 30.75
C ASP A 358 -3.87 9.93 29.79
N GLU A 359 -3.13 8.84 30.00
CA GLU A 359 -3.20 7.69 29.08
C GLU A 359 -4.31 6.70 29.43
N SER A 360 -5.07 7.02 30.47
CA SER A 360 -6.27 6.26 30.77
C SER A 360 -7.44 6.67 29.86
N VAL A 361 -7.27 7.72 29.04
CA VAL A 361 -8.34 8.15 28.15
C VAL A 361 -7.92 8.06 26.68
N GLY A 362 -8.93 7.94 25.84
CA GLY A 362 -8.74 7.95 24.38
C GLY A 362 -9.11 9.29 23.78
N LEU A 363 -8.30 9.75 22.84
CA LEU A 363 -8.52 11.06 22.23
C LEU A 363 -9.15 10.91 20.85
N HIS A 364 -10.22 11.65 20.62
CA HIS A 364 -10.75 11.85 19.30
C HIS A 364 -9.70 12.61 18.46
N PRO A 365 -9.62 12.33 17.14
CA PRO A 365 -8.47 12.87 16.38
C PRO A 365 -8.41 14.39 16.19
N TRP A 366 -9.53 15.09 16.27
CA TRP A 366 -9.48 16.54 16.36
C TRP A 366 -8.75 17.05 17.61
N ASP A 367 -8.64 16.20 18.63
CA ASP A 367 -7.90 16.52 19.87
C ASP A 367 -6.64 15.64 20.02
N GLY A 368 -6.22 15.02 18.92
CA GLY A 368 -5.16 14.02 18.97
C GLY A 368 -3.79 14.66 19.21
N VAL A 369 -2.88 13.85 19.75
CA VAL A 369 -1.55 14.29 20.12
C VAL A 369 -0.59 13.19 19.69
N THR A 370 0.54 13.58 19.10
CA THR A 370 1.56 12.64 18.67
C THR A 370 2.92 13.07 19.20
N GLU A 371 3.24 12.60 20.39
CA GLU A 371 4.52 12.88 21.03
C GLU A 371 5.21 11.55 21.30
N PRO A 372 6.35 11.30 20.63
CA PRO A 372 7.01 9.99 20.76
C PRO A 372 7.55 9.76 22.16
N ASN A 373 7.55 8.49 22.54
CA ASN A 373 7.97 8.04 23.86
C ASN A 373 8.41 6.58 23.77
N TYR A 374 9.61 6.37 23.22
CA TYR A 374 10.16 5.04 23.08
C TYR A 374 10.78 4.60 24.40
N VAL A 375 10.12 3.65 25.06
CA VAL A 375 10.53 3.12 26.36
C VAL A 375 10.00 1.69 26.49
N LEU A 376 10.82 0.79 27.01
CA LEU A 376 10.46 -0.63 27.12
C LEU A 376 10.14 -1.02 28.56
N GLY A 377 9.26 -2.01 28.72
CA GLY A 377 8.82 -2.49 30.03
C GLY A 377 9.87 -3.28 30.80
N ALA A 378 9.62 -3.45 32.08
CA ALA A 378 10.55 -4.14 32.99
C ALA A 378 10.77 -5.62 32.65
N ASN A 379 9.79 -6.26 32.00
CA ASN A 379 9.89 -7.69 31.66
C ASN A 379 10.54 -7.98 30.33
N THR A 380 11.07 -6.96 29.67
CA THR A 380 11.78 -7.11 28.40
C THR A 380 12.99 -8.01 28.54
N LYS A 381 13.17 -8.90 27.57
CA LYS A 381 14.42 -9.64 27.44
C LYS A 381 15.27 -8.95 26.38
N GLY A 382 16.48 -8.56 26.77
CA GLY A 382 17.38 -7.79 25.90
C GLY A 382 17.52 -6.36 26.43
N THR A 383 17.94 -5.46 25.54
CA THR A 383 18.18 -4.03 25.88
C THR A 383 17.37 -3.12 24.97
N ARG A 384 17.41 -1.82 25.25
CA ARG A 384 16.72 -0.80 24.42
C ARG A 384 17.02 -0.90 22.94
N THR A 385 18.23 -1.32 22.58
CA THR A 385 18.62 -1.43 21.16
C THR A 385 18.88 -2.86 20.69
N ARG A 386 18.49 -3.85 21.49
CA ARG A 386 18.62 -5.25 21.10
C ARG A 386 17.57 -6.06 21.82
N ILE A 387 16.37 -6.04 21.28
CA ILE A 387 15.21 -6.69 21.88
C ILE A 387 15.22 -8.16 21.51
N GLU A 388 15.13 -9.03 22.53
CA GLU A 388 15.00 -10.48 22.32
C GLU A 388 13.54 -10.93 22.47
N GLN A 389 12.88 -10.44 23.51
CA GLN A 389 11.47 -10.69 23.73
C GLN A 389 10.85 -9.40 24.25
N ILE A 390 9.91 -8.86 23.48
CA ILE A 390 9.21 -7.63 23.83
C ILE A 390 8.23 -7.85 24.99
N ASP A 391 8.02 -6.82 25.81
CA ASP A 391 7.15 -6.87 26.99
C ASP A 391 5.80 -6.21 26.70
N GLU A 392 4.83 -7.04 26.33
CA GLU A 392 3.49 -6.56 25.99
C GLU A 392 2.65 -6.08 27.19
N SER A 393 3.17 -6.20 28.41
CA SER A 393 2.47 -5.63 29.57
C SER A 393 2.65 -4.10 29.62
N ALA A 394 3.62 -3.57 28.87
CA ALA A 394 3.96 -2.14 28.86
C ALA A 394 3.82 -1.59 27.42
N LYS A 395 4.64 -0.62 27.02
CA LYS A 395 4.50 -0.06 25.67
C LYS A 395 5.28 -0.89 24.65
N TYR A 396 4.63 -1.29 23.55
CA TYR A 396 5.24 -2.30 22.67
C TYR A 396 5.02 -2.07 21.18
N SER A 397 4.68 -0.86 20.78
CA SER A 397 4.39 -0.59 19.37
C SER A 397 4.34 0.89 19.04
N TRP A 398 4.73 1.23 17.81
CA TRP A 398 4.55 2.58 17.26
C TRP A 398 3.12 2.81 16.73
N ILE A 399 2.23 1.82 16.83
CA ILE A 399 0.85 1.96 16.38
C ILE A 399 0.02 2.40 17.58
N LYS A 400 -0.79 3.44 17.41
CA LYS A 400 -1.80 3.82 18.40
C LYS A 400 -2.93 2.79 18.45
N SER A 401 -3.81 2.92 19.45
CA SER A 401 -4.92 1.98 19.63
C SER A 401 -6.28 2.64 19.38
N PRO A 402 -6.78 2.61 18.12
CA PRO A 402 -8.08 3.19 17.88
C PRO A 402 -9.21 2.28 18.36
N ARG A 403 -10.25 2.90 18.91
CA ARG A 403 -11.42 2.19 19.38
C ARG A 403 -12.65 2.97 18.97
N TRP A 404 -13.78 2.28 18.87
CA TRP A 404 -15.04 2.92 18.53
C TRP A 404 -15.99 2.76 19.69
N ARG A 405 -16.34 3.87 20.33
CA ARG A 405 -17.07 3.89 21.59
C ARG A 405 -16.48 2.89 22.58
N GLY A 406 -15.14 2.79 22.61
CA GLY A 406 -14.43 1.93 23.54
C GLY A 406 -14.25 0.49 23.06
N HIS A 407 -14.87 0.13 21.95
CA HIS A 407 -14.84 -1.24 21.42
C HIS A 407 -13.73 -1.46 20.42
N ALA A 408 -13.08 -2.62 20.49
CA ALA A 408 -12.08 -2.99 19.47
C ALA A 408 -12.76 -3.55 18.23
N MET A 409 -12.36 -3.06 17.06
CA MET A 409 -13.06 -3.37 15.81
C MET A 409 -12.07 -3.87 14.80
N GLU A 410 -12.54 -4.74 13.90
CA GLU A 410 -11.81 -5.10 12.69
C GLU A 410 -12.33 -4.22 11.55
N VAL A 411 -11.41 -3.75 10.70
CA VAL A 411 -11.73 -3.02 9.49
C VAL A 411 -11.15 -3.74 8.26
N GLY A 412 -11.66 -3.36 7.08
CA GLY A 412 -11.17 -3.92 5.82
C GLY A 412 -12.26 -4.44 4.91
N PRO A 413 -11.86 -5.07 3.79
CA PRO A 413 -12.88 -5.54 2.86
C PRO A 413 -13.87 -6.52 3.48
N LEU A 414 -13.39 -7.40 4.37
CA LEU A 414 -14.29 -8.31 5.05
C LEU A 414 -15.31 -7.57 5.90
N SER A 415 -14.86 -6.59 6.68
CA SER A 415 -15.79 -5.74 7.42
C SER A 415 -16.84 -5.10 6.50
N ARG A 416 -16.40 -4.54 5.37
CA ARG A 416 -17.33 -3.90 4.42
C ARG A 416 -18.33 -4.87 3.84
N TYR A 417 -17.90 -6.11 3.59
CA TYR A 417 -18.79 -7.13 3.03
C TYR A 417 -19.78 -7.67 4.07
N ILE A 418 -19.34 -7.77 5.32
CA ILE A 418 -20.26 -8.11 6.39
C ILE A 418 -21.29 -6.99 6.58
N LEU A 419 -20.83 -5.74 6.59
CA LEU A 419 -21.73 -4.59 6.68
C LEU A 419 -22.71 -4.54 5.50
N ALA A 420 -22.19 -4.74 4.30
CA ALA A 420 -23.03 -4.75 3.10
C ALA A 420 -24.11 -5.84 3.19
N TYR A 421 -23.72 -7.03 3.65
CA TYR A 421 -24.64 -8.14 3.82
C TYR A 421 -25.75 -7.81 4.84
N ALA A 422 -25.35 -7.24 5.96
CA ALA A 422 -26.28 -6.83 7.00
C ALA A 422 -27.25 -5.76 6.48
N HIS A 423 -26.72 -4.74 5.81
CA HIS A 423 -27.54 -3.69 5.23
C HIS A 423 -28.52 -4.26 4.22
N ALA A 424 -28.05 -5.20 3.39
CA ALA A 424 -28.91 -5.80 2.36
C ALA A 424 -30.08 -6.53 2.97
N ARG A 425 -29.83 -7.30 4.03
CA ARG A 425 -30.89 -8.04 4.72
C ARG A 425 -31.89 -7.15 5.46
N SER A 426 -31.52 -5.90 5.78
CA SER A 426 -32.49 -4.94 6.33
C SER A 426 -33.17 -4.08 5.24
N GLY A 427 -32.92 -4.37 3.96
CA GLY A 427 -33.66 -3.74 2.85
C GLY A 427 -32.91 -2.66 2.08
N ASN A 428 -31.62 -2.50 2.32
CA ASN A 428 -30.80 -1.53 1.57
C ASN A 428 -30.48 -2.09 0.17
N LYS A 429 -31.02 -1.46 -0.86
CA LYS A 429 -30.87 -1.98 -2.23
C LYS A 429 -29.54 -1.59 -2.88
N TYR A 430 -28.85 -0.64 -2.28
CA TYR A 430 -27.52 -0.24 -2.77
C TYR A 430 -26.48 -1.30 -2.47
N ALA A 431 -26.74 -2.13 -1.47
CA ALA A 431 -25.86 -3.27 -1.14
C ALA A 431 -26.17 -4.55 -1.89
N GLU A 432 -27.03 -4.51 -2.91
CA GLU A 432 -27.50 -5.74 -3.55
C GLU A 432 -26.37 -6.54 -4.24
N ARG A 433 -25.42 -5.87 -4.87
CA ARG A 433 -24.37 -6.58 -5.60
C ARG A 433 -23.38 -7.34 -4.67
N PRO A 434 -22.84 -6.68 -3.62
CA PRO A 434 -22.05 -7.44 -2.63
C PRO A 434 -22.78 -8.65 -2.04
N LYS A 435 -24.08 -8.50 -1.75
CA LYS A 435 -24.87 -9.63 -1.25
C LYS A 435 -24.88 -10.77 -2.27
N GLU A 436 -25.13 -10.43 -3.54
CA GLU A 436 -25.14 -11.41 -4.63
C GLU A 436 -23.79 -12.11 -4.75
N GLN A 437 -22.71 -11.32 -4.74
CA GLN A 437 -21.36 -11.90 -4.77
C GLN A 437 -21.13 -12.91 -3.65
N LEU A 438 -21.60 -12.56 -2.46
CA LEU A 438 -21.39 -13.43 -1.30
C LEU A 438 -22.14 -14.75 -1.42
N GLU A 439 -23.40 -14.68 -1.84
CA GLU A 439 -24.22 -15.88 -1.99
C GLU A 439 -23.69 -16.79 -3.11
N TYR A 440 -23.27 -16.18 -4.20
CA TYR A 440 -22.60 -16.90 -5.29
C TYR A 440 -21.34 -17.59 -4.78
N SER A 441 -20.53 -16.87 -4.00
CA SER A 441 -19.28 -17.41 -3.48
C SER A 441 -19.49 -18.59 -2.55
N ALA A 442 -20.49 -18.47 -1.67
CA ALA A 442 -20.82 -19.54 -0.72
C ALA A 442 -21.25 -20.80 -1.45
N GLN A 443 -22.06 -20.65 -2.49
CA GLN A 443 -22.50 -21.81 -3.27
C GLN A 443 -21.36 -22.46 -4.06
N MET A 444 -20.41 -21.66 -4.55
CA MET A 444 -19.21 -22.20 -5.21
C MET A 444 -18.32 -22.97 -4.24
N ILE A 445 -18.03 -22.36 -3.08
CA ILE A 445 -17.20 -22.97 -2.04
C ILE A 445 -17.84 -24.24 -1.45
N ASN A 446 -19.13 -24.19 -1.20
CA ASN A 446 -19.87 -25.33 -0.61
C ASN A 446 -20.25 -26.46 -1.57
N SER A 447 -20.58 -26.14 -2.83
CA SER A 447 -21.21 -27.12 -3.74
CA SER A 447 -21.21 -27.12 -3.74
CA SER A 447 -21.21 -27.12 -3.74
C SER A 447 -20.53 -27.23 -5.10
N ALA A 448 -20.54 -26.15 -5.88
CA ALA A 448 -20.08 -26.22 -7.28
C ALA A 448 -18.62 -26.70 -7.44
N ILE A 449 -17.71 -26.11 -6.68
CA ILE A 449 -16.29 -26.43 -6.81
C ILE A 449 -15.99 -27.82 -6.25
N PRO A 450 -16.52 -28.15 -5.05
CA PRO A 450 -16.36 -29.52 -4.58
C PRO A 450 -16.86 -30.57 -5.57
N LYS A 451 -18.03 -30.33 -6.16
CA LYS A 451 -18.60 -31.27 -7.14
C LYS A 451 -17.69 -31.38 -8.37
N ALA A 452 -17.20 -30.25 -8.85
CA ALA A 452 -16.27 -30.23 -10.00
C ALA A 452 -14.93 -30.93 -9.71
N LEU A 453 -14.48 -30.87 -8.46
CA LEU A 453 -13.22 -31.51 -8.04
C LEU A 453 -13.41 -32.92 -7.46
N GLY A 454 -14.66 -33.34 -7.27
CA GLY A 454 -14.96 -34.64 -6.68
C GLY A 454 -14.73 -34.68 -5.17
N LEU A 455 -14.98 -33.55 -4.51
CA LEU A 455 -14.91 -33.46 -3.04
C LEU A 455 -16.32 -33.46 -2.50
N PRO A 456 -16.49 -33.81 -1.22
CA PRO A 456 -17.86 -33.80 -0.68
C PRO A 456 -18.36 -32.37 -0.45
N GLU A 457 -19.66 -32.16 -0.65
CA GLU A 457 -20.27 -30.85 -0.49
C GLU A 457 -20.42 -30.50 0.99
N THR A 458 -20.36 -29.21 1.30
CA THR A 458 -20.47 -28.75 2.68
C THR A 458 -21.64 -27.79 2.79
N GLN A 459 -21.98 -27.40 4.01
CA GLN A 459 -23.19 -26.60 4.26
C GLN A 459 -22.92 -25.41 5.18
N TYR A 460 -21.76 -24.79 5.02
CA TYR A 460 -21.43 -23.60 5.79
C TYR A 460 -22.30 -22.43 5.38
N THR A 461 -22.78 -21.69 6.36
CA THR A 461 -23.50 -20.44 6.12
C THR A 461 -22.48 -19.35 5.92
N LEU A 462 -22.92 -18.18 5.46
CA LEU A 462 -22.02 -17.01 5.35
C LEU A 462 -21.52 -16.57 6.73
N LYS A 463 -22.39 -16.70 7.72
CA LYS A 463 -22.06 -16.41 9.12
C LYS A 463 -20.85 -17.22 9.61
N GLN A 464 -20.72 -18.44 9.12
CA GLN A 464 -19.62 -19.34 9.49
CA GLN A 464 -19.62 -19.33 9.48
C GLN A 464 -18.39 -19.15 8.60
N LEU A 465 -18.62 -18.97 7.31
CA LEU A 465 -17.52 -18.89 6.35
C LEU A 465 -16.80 -17.55 6.41
N LEU A 466 -17.53 -16.46 6.53
CA LEU A 466 -16.90 -15.13 6.39
C LEU A 466 -15.90 -14.76 7.51
N PRO A 467 -16.24 -15.01 8.79
CA PRO A 467 -15.29 -14.72 9.87
C PRO A 467 -14.16 -15.76 9.97
N SER A 468 -13.23 -15.67 9.04
CA SER A 468 -12.08 -16.57 8.96
C SER A 468 -11.04 -15.95 8.04
N THR A 469 -9.84 -16.52 8.07
CA THR A 469 -8.79 -16.09 7.17
C THR A 469 -9.17 -16.32 5.70
N ILE A 470 -9.80 -17.45 5.41
CA ILE A 470 -10.35 -17.69 4.06
C ILE A 470 -11.38 -16.65 3.69
N GLY A 471 -12.32 -16.37 4.59
CA GLY A 471 -13.33 -15.34 4.35
C GLY A 471 -12.74 -13.94 4.11
N ARG A 472 -11.73 -13.59 4.88
CA ARG A 472 -11.05 -12.28 4.74
C ARG A 472 -10.39 -12.14 3.37
N THR A 473 -9.78 -13.22 2.92
CA THR A 473 -9.13 -13.27 1.61
C THR A 473 -10.17 -13.22 0.48
N LEU A 474 -11.26 -13.94 0.67
CA LEU A 474 -12.38 -13.92 -0.28
C LEU A 474 -12.98 -12.53 -0.44
N ALA A 475 -13.25 -11.86 0.67
CA ALA A 475 -13.89 -10.53 0.63
C ALA A 475 -13.06 -9.54 -0.16
N ARG A 476 -11.73 -9.64 -0.01
CA ARG A 476 -10.81 -8.76 -0.77
C ARG A 476 -10.96 -8.95 -2.29
N ALA A 477 -11.00 -10.19 -2.73
CA ALA A 477 -11.19 -10.52 -4.13
C ALA A 477 -12.53 -10.03 -4.65
N LEU A 478 -13.59 -10.27 -3.89
CA LEU A 478 -14.92 -9.80 -4.30
C LEU A 478 -14.99 -8.28 -4.39
N GLU A 479 -14.33 -7.59 -3.46
CA GLU A 479 -14.30 -6.15 -3.47
C GLU A 479 -13.60 -5.65 -4.71
N SER A 480 -12.51 -6.30 -5.09
CA SER A 480 -11.82 -5.97 -6.32
C SER A 480 -12.76 -6.01 -7.51
N GLN A 481 -13.50 -7.11 -7.62
CA GLN A 481 -14.46 -7.27 -8.70
C GLN A 481 -15.52 -6.16 -8.69
N TYR A 482 -16.09 -5.91 -7.52
CA TYR A 482 -17.12 -4.87 -7.38
C TYR A 482 -16.58 -3.48 -7.74
N CYS A 483 -15.37 -3.19 -7.29
CA CYS A 483 -14.73 -1.89 -7.63
C CYS A 483 -14.51 -1.72 -9.13
N GLY A 484 -14.07 -2.78 -9.81
CA GLY A 484 -13.96 -2.75 -11.28
C GLY A 484 -15.29 -2.45 -11.96
N GLU A 485 -16.34 -3.12 -11.51
CA GLU A 485 -17.67 -2.93 -12.03
C GLU A 485 -18.17 -1.50 -11.81
N MET A 486 -17.91 -0.97 -10.63
CA MET A 486 -18.34 0.39 -10.31
C MET A 486 -17.63 1.45 -11.15
N MET A 487 -16.33 1.31 -11.36
CA MET A 487 -15.62 2.35 -12.14
C MET A 487 -15.99 2.31 -13.64
N HIS A 488 -16.45 1.16 -14.12
CA HIS A 488 -17.03 1.04 -15.47
C HIS A 488 -18.26 1.94 -15.61
N SER A 489 -19.17 1.88 -14.63
CA SER A 489 -20.31 2.80 -14.57
C SER A 489 -19.90 4.26 -14.38
N ASP A 490 -18.90 4.53 -13.53
CA ASP A 490 -18.43 5.90 -13.32
C ASP A 490 -17.89 6.51 -14.61
N TRP A 491 -17.19 5.72 -15.40
CA TRP A 491 -16.66 6.18 -16.69
C TRP A 491 -17.78 6.65 -17.61
N HIS A 492 -18.84 5.86 -17.70
CA HIS A 492 -20.01 6.20 -18.54
C HIS A 492 -20.68 7.47 -18.05
N ASP A 493 -20.76 7.62 -16.73
CA ASP A 493 -21.35 8.84 -16.15
C ASP A 493 -20.50 10.07 -16.42
N LEU A 494 -19.19 9.90 -16.33
CA LEU A 494 -18.23 10.98 -16.64
C LEU A 494 -18.34 11.43 -18.10
N VAL A 495 -18.28 10.49 -19.03
CA VAL A 495 -18.35 10.81 -20.46
C VAL A 495 -19.70 11.43 -20.80
N ALA A 496 -20.77 10.92 -20.21
CA ALA A 496 -22.12 11.48 -20.42
C ALA A 496 -22.21 12.92 -19.94
N ASN A 497 -21.67 13.19 -18.76
CA ASN A 497 -21.70 14.52 -18.20
C ASN A 497 -20.89 15.51 -19.06
N ILE A 498 -19.73 15.09 -19.55
CA ILE A 498 -18.89 15.91 -20.41
C ILE A 498 -19.58 16.21 -21.74
N ARG A 499 -20.18 15.18 -22.34
CA ARG A 499 -20.90 15.34 -23.61
C ARG A 499 -22.14 16.21 -23.50
N ALA A 500 -22.74 16.27 -22.32
CA ALA A 500 -23.90 17.14 -22.08
C ALA A 500 -23.49 18.60 -21.85
N GLY A 501 -22.18 18.87 -21.79
CA GLY A 501 -21.66 20.23 -21.81
C GLY A 501 -20.98 20.68 -20.53
N ASP A 502 -20.90 19.81 -19.52
CA ASP A 502 -20.26 20.16 -18.26
C ASP A 502 -18.82 19.66 -18.26
N THR A 503 -17.88 20.59 -18.48
CA THR A 503 -16.46 20.28 -18.52
C THR A 503 -15.71 20.68 -17.23
N ALA A 504 -16.42 21.21 -16.25
CA ALA A 504 -15.80 21.71 -15.02
C ALA A 504 -15.01 20.62 -14.29
N THR A 505 -13.80 20.96 -13.85
CA THR A 505 -12.98 20.04 -13.05
C THR A 505 -12.51 20.61 -11.71
N ALA A 506 -12.59 21.92 -11.50
CA ALA A 506 -12.19 22.48 -10.21
C ALA A 506 -13.03 23.68 -9.80
N ASN A 507 -13.38 23.71 -8.51
CA ASN A 507 -14.04 24.84 -7.88
C ASN A 507 -12.95 25.64 -7.19
N VAL A 508 -12.64 26.82 -7.73
CA VAL A 508 -11.56 27.65 -7.20
C VAL A 508 -12.03 28.83 -6.37
N ASP A 509 -13.33 28.88 -6.09
CA ASP A 509 -13.92 29.99 -5.34
C ASP A 509 -13.22 30.24 -4.00
N LYS A 510 -12.82 29.18 -3.30
CA LYS A 510 -12.10 29.30 -2.04
C LYS A 510 -10.64 28.82 -2.10
N TRP A 511 -10.02 28.92 -3.27
CA TRP A 511 -8.60 28.57 -3.43
C TRP A 511 -7.68 29.49 -2.62
N ASP A 512 -7.94 30.80 -2.67
CA ASP A 512 -7.09 31.76 -2.00
C ASP A 512 -7.40 31.81 -0.49
N PRO A 513 -6.37 31.73 0.37
CA PRO A 513 -6.66 31.70 1.80
C PRO A 513 -7.27 32.98 2.38
N ALA A 514 -7.21 34.08 1.64
CA ALA A 514 -7.90 35.30 2.02
C ALA A 514 -9.43 35.15 2.04
N THR A 515 -9.96 34.12 1.36
CA THR A 515 -11.38 33.80 1.42
C THR A 515 -11.80 32.87 2.58
N TRP A 516 -10.83 32.33 3.33
CA TRP A 516 -11.15 31.30 4.31
C TRP A 516 -11.65 31.87 5.61
N PRO A 517 -12.45 31.09 6.35
CA PRO A 517 -12.65 31.43 7.75
C PRO A 517 -11.33 31.38 8.51
N LEU A 518 -11.20 32.24 9.51
CA LEU A 518 -9.93 32.39 10.22
C LEU A 518 -9.59 31.16 11.06
N GLN A 519 -10.60 30.37 11.39
CA GLN A 519 -10.35 29.03 11.86
C GLN A 519 -11.41 28.06 11.38
N ALA A 520 -11.04 26.80 11.31
CA ALA A 520 -11.93 25.78 10.79
C ALA A 520 -11.43 24.41 11.14
N LYS A 521 -12.34 23.44 11.07
CA LYS A 521 -11.98 22.04 11.24
C LYS A 521 -12.74 21.19 10.25
N GLY A 522 -12.10 20.12 9.80
CA GLY A 522 -12.73 19.23 8.85
C GLY A 522 -12.26 17.81 9.02
N VAL A 523 -13.03 16.92 8.40
CA VAL A 523 -12.70 15.51 8.36
C VAL A 523 -12.98 14.95 6.98
N GLY A 524 -12.05 14.13 6.49
CA GLY A 524 -12.23 13.38 5.25
C GLY A 524 -12.10 11.90 5.56
N THR A 525 -13.05 11.12 5.07
CA THR A 525 -12.97 9.66 5.20
C THR A 525 -12.94 9.00 3.84
N VAL A 526 -12.26 7.85 3.79
CA VAL A 526 -12.04 7.07 2.57
C VAL A 526 -12.15 5.59 2.93
N ALA A 527 -12.81 4.80 2.10
CA ALA A 527 -12.71 3.36 2.21
C ALA A 527 -11.45 2.95 1.46
N ALA A 528 -10.34 2.96 2.20
CA ALA A 528 -9.06 2.62 1.63
C ALA A 528 -9.01 1.10 1.41
N PRO A 529 -8.05 0.60 0.60
CA PRO A 529 -8.02 -0.85 0.37
C PRO A 529 -8.06 -1.73 1.62
N ARG A 530 -7.43 -1.29 2.70
CA ARG A 530 -7.34 -2.10 3.92
C ARG A 530 -8.39 -1.78 4.98
N GLY A 531 -9.31 -0.84 4.70
CA GLY A 531 -10.41 -0.49 5.61
C GLY A 531 -10.65 1.00 5.78
N ALA A 532 -11.08 1.36 6.98
CA ALA A 532 -11.56 2.71 7.29
C ALA A 532 -10.40 3.69 7.49
N LEU A 533 -10.31 4.70 6.62
CA LEU A 533 -9.33 5.76 6.71
C LEU A 533 -9.99 7.10 7.04
N GLY A 534 -9.41 7.83 7.98
CA GLY A 534 -9.81 9.19 8.24
C GLY A 534 -8.66 10.14 8.51
N HIS A 535 -8.79 11.35 8.02
CA HIS A 535 -7.88 12.46 8.28
C HIS A 535 -8.73 13.54 8.94
N TRP A 536 -8.25 14.08 10.05
CA TRP A 536 -8.92 15.14 10.81
C TRP A 536 -7.98 16.35 10.89
N ILE A 537 -8.43 17.51 10.40
CA ILE A 537 -7.59 18.70 10.31
C ILE A 537 -8.22 19.85 11.10
N ARG A 538 -7.38 20.64 11.77
CA ARG A 538 -7.75 21.96 12.23
C ARG A 538 -6.87 22.98 11.51
N ILE A 539 -7.49 24.07 11.09
CA ILE A 539 -6.83 25.16 10.37
C ILE A 539 -6.97 26.45 11.18
N LYS A 540 -5.86 27.19 11.30
CA LYS A 540 -5.86 28.50 11.96
C LYS A 540 -5.04 29.48 11.15
N ASP A 541 -5.68 30.58 10.76
CA ASP A 541 -5.03 31.67 10.02
C ASP A 541 -4.27 31.13 8.80
N GLY A 542 -4.95 30.30 8.02
CA GLY A 542 -4.39 29.74 6.80
C GLY A 542 -3.38 28.60 6.93
N ARG A 543 -3.07 28.18 8.16
CA ARG A 543 -2.06 27.15 8.42
C ARG A 543 -2.69 25.93 9.10
N ILE A 544 -2.03 24.78 8.99
CA ILE A 544 -2.46 23.57 9.70
C ILE A 544 -2.12 23.69 11.18
N GLU A 545 -3.15 23.63 12.01
CA GLU A 545 -3.00 23.71 13.46
C GLU A 545 -2.82 22.32 14.04
N ASN A 546 -3.63 21.38 13.59
CA ASN A 546 -3.51 19.98 13.96
C ASN A 546 -3.89 19.13 12.76
N TYR A 547 -3.21 18.00 12.60
CA TYR A 547 -3.50 17.04 11.54
C TYR A 547 -3.29 15.65 12.16
N GLN A 548 -4.35 14.89 12.25
CA GLN A 548 -4.30 13.52 12.78
C GLN A 548 -4.91 12.53 11.78
N CYS A 549 -4.19 11.44 11.56
CA CYS A 549 -4.66 10.35 10.71
C CYS A 549 -4.91 9.13 11.58
N VAL A 550 -6.01 8.44 11.30
CA VAL A 550 -6.29 7.13 11.85
C VAL A 550 -6.56 6.24 10.64
N VAL A 551 -5.68 5.25 10.47
CA VAL A 551 -5.50 4.54 9.22
C VAL A 551 -5.98 3.09 9.41
N PRO A 552 -6.34 2.38 8.31
CA PRO A 552 -6.90 1.04 8.55
C PRO A 552 -6.02 0.09 9.33
N THR A 553 -4.71 0.06 9.03
CA THR A 553 -3.81 -0.87 9.72
C THR A 553 -3.56 -0.36 11.16
N THR A 554 -3.83 0.92 11.42
CA THR A 554 -3.85 1.41 12.81
C THR A 554 -4.94 0.68 13.60
N TRP A 555 -6.15 0.59 13.06
CA TRP A 555 -7.21 -0.22 13.69
C TRP A 555 -6.73 -1.67 13.84
N ASN A 556 -6.40 -2.31 12.73
CA ASN A 556 -6.22 -3.76 12.73
C ASN A 556 -4.97 -4.23 13.48
N GLY A 557 -3.88 -3.47 13.34
CA GLY A 557 -2.61 -3.79 13.96
C GLY A 557 -2.42 -3.25 15.35
N SER A 558 -3.44 -2.59 15.90
CA SER A 558 -3.32 -1.86 17.18
C SER A 558 -2.89 -2.76 18.34
N PRO A 559 -2.07 -2.21 19.23
CA PRO A 559 -1.79 -2.91 20.47
C PRO A 559 -2.97 -2.78 21.43
N ARG A 560 -2.81 -3.34 22.60
CA ARG A 560 -3.88 -3.35 23.59
C ARG A 560 -4.18 -1.92 24.07
N ASP A 561 -5.43 -1.69 24.48
CA ASP A 561 -5.87 -0.39 25.00
C ASP A 561 -5.77 -0.34 26.54
N TYR A 562 -6.33 0.69 27.14
CA TYR A 562 -6.24 0.87 28.59
C TYR A 562 -6.91 -0.28 29.32
N LYS A 563 -8.05 -0.74 28.81
CA LYS A 563 -8.74 -1.90 29.39
C LYS A 563 -8.07 -3.24 29.08
N GLY A 564 -7.06 -3.26 28.22
CA GLY A 564 -6.38 -4.51 27.85
C GLY A 564 -7.04 -5.29 26.73
N GLN A 565 -7.98 -4.66 26.04
CA GLN A 565 -8.61 -5.29 24.88
C GLN A 565 -7.65 -5.38 23.72
N ILE A 566 -7.68 -6.54 23.05
CA ILE A 566 -6.79 -6.80 21.93
C ILE A 566 -7.40 -6.34 20.62
N GLY A 567 -6.52 -5.97 19.69
CA GLY A 567 -6.89 -5.60 18.33
C GLY A 567 -7.01 -6.77 17.37
N ALA A 568 -7.33 -6.47 16.11
CA ALA A 568 -7.71 -7.50 15.16
C ALA A 568 -6.60 -8.51 14.85
N PHE A 569 -5.36 -8.06 14.65
CA PHE A 569 -4.25 -8.99 14.35
C PHE A 569 -4.07 -10.00 15.48
N GLU A 570 -3.99 -9.49 16.70
CA GLU A 570 -3.76 -10.34 17.89
C GLU A 570 -4.90 -11.34 18.08
N ALA A 571 -6.14 -10.87 17.95
CA ALA A 571 -7.30 -11.73 18.06
C ALA A 571 -7.36 -12.84 16.98
N SER A 572 -6.95 -12.50 15.77
CA SER A 572 -7.01 -13.43 14.65
C SER A 572 -6.01 -14.58 14.76
N LEU A 573 -4.88 -14.35 15.44
CA LEU A 573 -3.86 -15.41 15.61
C LEU A 573 -4.23 -16.38 16.73
N MET A 574 -5.05 -15.92 17.67
CA MET A 574 -5.46 -16.75 18.80
C MET A 574 -6.10 -18.05 18.36
N ASN A 575 -5.69 -19.11 19.05
CA ASN A 575 -6.31 -20.42 18.94
C ASN A 575 -6.03 -21.13 17.62
N THR A 576 -4.92 -20.76 16.98
CA THR A 576 -4.50 -21.38 15.73
C THR A 576 -3.36 -22.38 16.00
N PRO A 577 -3.52 -23.64 15.57
CA PRO A 577 -2.42 -24.61 15.66
C PRO A 577 -1.33 -24.34 14.61
N MET A 578 -0.08 -24.50 15.02
CA MET A 578 1.06 -24.42 14.10
C MET A 578 1.60 -25.83 13.92
N VAL A 579 1.86 -26.21 12.68
CA VAL A 579 2.47 -27.53 12.42
C VAL A 579 3.89 -27.56 13.01
N ASN A 580 4.64 -26.50 12.81
CA ASN A 580 5.98 -26.38 13.36
C ASN A 580 6.14 -24.99 13.95
N PRO A 581 6.27 -24.87 15.28
CA PRO A 581 6.34 -23.54 15.87
C PRO A 581 7.55 -22.68 15.44
N GLU A 582 8.60 -23.30 14.90
CA GLU A 582 9.73 -22.54 14.30
C GLU A 582 9.56 -22.18 12.81
N GLN A 583 8.44 -22.55 12.21
CA GLN A 583 8.10 -22.16 10.84
C GLN A 583 6.78 -21.38 10.86
N PRO A 584 6.83 -20.05 10.65
CA PRO A 584 5.63 -19.24 10.92
C PRO A 584 4.57 -19.24 9.81
N VAL A 585 4.30 -20.39 9.20
CA VAL A 585 3.45 -20.41 8.01
C VAL A 585 2.02 -19.93 8.31
N GLU A 586 1.43 -20.42 9.39
CA GLU A 586 0.07 -20.09 9.76
C GLU A 586 -0.03 -18.65 10.26
N ILE A 587 1.01 -18.19 10.95
CA ILE A 587 1.05 -16.81 11.43
C ILE A 587 1.03 -15.88 10.23
N LEU A 588 1.90 -16.14 9.26
CA LEU A 588 1.98 -15.34 8.04
C LEU A 588 0.68 -15.38 7.23
N ARG A 589 0.10 -16.57 7.05
CA ARG A 589 -1.17 -16.71 6.31
C ARG A 589 -2.27 -15.81 6.89
N THR A 590 -2.46 -15.86 8.20
CA THR A 590 -3.50 -15.06 8.83
C THR A 590 -3.13 -13.56 8.88
N LEU A 591 -1.92 -13.20 9.28
CA LEU A 591 -1.54 -11.77 9.29
C LEU A 591 -1.68 -11.17 7.88
N HIS A 592 -1.18 -11.88 6.89
CA HIS A 592 -1.25 -11.41 5.51
C HIS A 592 -2.68 -11.24 4.99
N SER A 593 -3.64 -11.95 5.57
CA SER A 593 -5.04 -11.82 5.17
C SER A 593 -5.64 -10.44 5.49
N PHE A 594 -4.99 -9.70 6.38
CA PHE A 594 -5.36 -8.29 6.65
C PHE A 594 -4.67 -7.32 5.73
N ASP A 595 -3.71 -7.81 4.94
CA ASP A 595 -2.88 -6.97 4.08
C ASP A 595 -2.23 -5.83 4.90
N PRO A 596 -1.41 -6.19 5.92
CA PRO A 596 -0.89 -5.17 6.82
C PRO A 596 -0.07 -4.13 6.09
N CYS A 597 -0.38 -2.86 6.33
CA CYS A 597 0.39 -1.76 5.77
C CYS A 597 0.98 -0.99 6.96
N LEU A 598 2.24 -1.26 7.27
CA LEU A 598 2.82 -0.77 8.53
C LEU A 598 3.23 0.70 8.46
N ALA A 599 3.66 1.17 7.31
CA ALA A 599 3.95 2.60 7.14
C ALA A 599 2.65 3.39 7.32
N CYS A 600 1.56 2.86 6.77
CA CYS A 600 0.24 3.43 6.98
C CYS A 600 -0.15 3.48 8.43
N SER A 601 0.05 2.38 9.13
CA SER A 601 -0.44 2.22 10.48
C SER A 601 0.18 3.25 11.44
N THR A 602 1.42 3.65 11.17
CA THR A 602 2.21 4.47 12.07
C THR A 602 2.37 5.91 11.58
N HIS A 603 2.46 6.09 10.27
CA HIS A 603 2.59 7.41 9.63
C HIS A 603 3.53 8.37 10.40
N PRO B 5 25.93 -17.03 -13.51
CA PRO B 5 25.69 -16.53 -12.16
C PRO B 5 25.14 -15.10 -12.13
N ARG B 6 23.89 -14.94 -11.68
CA ARG B 6 23.24 -13.62 -11.63
C ARG B 6 23.70 -12.88 -10.39
N THR B 7 23.95 -11.57 -10.52
CA THR B 7 24.48 -10.80 -9.39
C THR B 7 23.45 -10.70 -8.26
N PRO B 8 23.85 -11.08 -7.03
CA PRO B 8 22.91 -10.93 -5.92
C PRO B 8 22.65 -9.48 -5.59
N VAL B 9 21.38 -9.18 -5.31
CA VAL B 9 20.97 -7.87 -4.85
C VAL B 9 20.33 -8.10 -3.49
N LEU B 10 20.83 -7.39 -2.49
CA LEU B 10 20.19 -7.36 -1.17
C LEU B 10 19.50 -6.01 -1.07
N TRP B 11 18.17 -6.04 -1.02
CA TRP B 11 17.35 -4.83 -1.05
C TRP B 11 16.82 -4.55 0.35
N LEU B 12 17.41 -3.55 1.03
CA LEU B 12 17.01 -3.23 2.40
C LEU B 12 15.95 -2.14 2.39
N HIS B 13 15.14 -2.13 3.44
CA HIS B 13 14.09 -1.14 3.64
C HIS B 13 14.26 -0.46 5.01
N GLY B 14 14.44 0.87 5.00
CA GLY B 14 14.44 1.66 6.23
C GLY B 14 13.10 2.31 6.47
N LEU B 15 13.12 3.56 6.92
CA LEU B 15 11.93 4.40 6.96
C LEU B 15 11.59 4.78 5.53
N GLU B 16 10.37 4.46 5.13
CA GLU B 16 9.95 4.57 3.74
CA GLU B 16 9.95 4.55 3.75
C GLU B 16 8.44 4.44 3.62
N CYS B 17 7.93 4.67 2.42
CA CYS B 17 6.52 4.43 2.11
C CYS B 17 6.34 3.26 1.13
N THR B 18 7.45 2.74 0.60
CA THR B 18 7.50 1.62 -0.35
C THR B 18 7.18 2.06 -1.79
N CYS B 19 7.18 3.37 -2.07
CA CYS B 19 6.89 3.84 -3.43
C CYS B 19 7.96 3.41 -4.46
N CSO B 20 9.19 3.22 -3.99
CA CSO B 20 10.31 2.83 -4.84
CB CSO B 20 11.68 3.21 -4.25
SG CSO B 20 11.85 4.99 -4.00
C CSO B 20 10.16 1.42 -5.31
O CSO B 20 10.28 1.10 -6.52
OD CSO B 20 11.54 5.08 -2.32
N SER B 21 9.85 0.50 -4.37
CA SER B 21 9.56 -0.90 -4.72
C SER B 21 8.37 -1.02 -5.68
N GLU B 22 7.33 -0.24 -5.44
CA GLU B 22 6.16 -0.22 -6.32
C GLU B 22 6.53 0.31 -7.70
N SER B 23 7.30 1.39 -7.77
CA SER B 23 7.68 1.95 -9.06
C SER B 23 8.48 0.92 -9.87
N PHE B 24 9.41 0.24 -9.21
CA PHE B 24 10.26 -0.80 -9.84
C PHE B 24 9.44 -1.78 -10.67
N ILE B 25 8.36 -2.31 -10.07
CA ILE B 25 7.53 -3.32 -10.74
C ILE B 25 6.59 -2.78 -11.84
N ARG B 26 6.56 -1.45 -12.03
CA ARG B 26 5.88 -0.84 -13.18
C ARG B 26 6.74 -0.83 -14.44
N SER B 27 7.99 -1.25 -14.37
CA SER B 27 8.88 -1.17 -15.54
C SER B 27 8.39 -2.01 -16.72
N ALA B 28 8.31 -1.39 -17.90
CA ALA B 28 7.92 -2.09 -19.11
C ALA B 28 9.14 -2.63 -19.86
N HIS B 29 10.22 -1.87 -19.85
CA HIS B 29 11.44 -2.26 -20.58
C HIS B 29 12.67 -2.01 -19.69
N PRO B 30 13.22 -3.03 -19.05
CA PRO B 30 12.73 -4.42 -19.07
C PRO B 30 11.62 -4.64 -18.06
N LEU B 31 10.91 -5.75 -18.21
CA LEU B 31 9.95 -6.18 -17.22
C LEU B 31 10.67 -6.48 -15.89
N ALA B 32 10.03 -6.14 -14.78
CA ALA B 32 10.57 -6.49 -13.47
C ALA B 32 10.67 -8.01 -13.34
N LYS B 33 9.67 -8.71 -13.90
CA LYS B 33 9.68 -10.18 -13.94
C LYS B 33 10.98 -10.72 -14.55
N ASP B 34 11.41 -10.14 -15.67
CA ASP B 34 12.66 -10.55 -16.32
C ASP B 34 13.92 -10.14 -15.52
N VAL B 35 13.85 -9.00 -14.85
CA VAL B 35 14.97 -8.56 -14.00
C VAL B 35 15.23 -9.56 -12.88
N VAL B 36 14.17 -9.89 -12.13
CA VAL B 36 14.27 -10.86 -11.02
C VAL B 36 14.59 -12.29 -11.47
N LEU B 37 14.00 -12.75 -12.58
CA LEU B 37 14.19 -14.13 -13.03
C LEU B 37 15.48 -14.35 -13.83
N SER B 38 15.92 -13.35 -14.58
CA SER B 38 17.06 -13.52 -15.51
C SER B 38 18.28 -12.60 -15.30
N MET B 39 18.14 -11.47 -14.60
CA MET B 39 19.24 -10.49 -14.55
C MET B 39 19.95 -10.50 -13.19
N ILE B 40 19.18 -10.30 -12.13
CA ILE B 40 19.72 -10.29 -10.76
C ILE B 40 19.27 -11.54 -10.02
N SER B 41 19.81 -11.74 -8.81
CA SER B 41 19.24 -12.66 -7.83
C SER B 41 18.78 -11.86 -6.62
N LEU B 42 17.46 -11.70 -6.50
CA LEU B 42 16.91 -10.80 -5.49
C LEU B 42 16.79 -11.63 -4.23
N ASP B 43 17.85 -11.68 -3.46
CA ASP B 43 17.99 -12.64 -2.35
C ASP B 43 17.41 -12.18 -1.03
N TYR B 44 17.29 -10.87 -0.85
CA TYR B 44 16.64 -10.34 0.33
C TYR B 44 15.83 -9.14 -0.10
N ASP B 45 14.55 -9.15 0.25
CA ASP B 45 13.65 -8.04 -0.04
C ASP B 45 12.39 -8.31 0.75
N ASP B 46 12.18 -7.51 1.80
CA ASP B 46 11.07 -7.68 2.75
C ASP B 46 9.67 -7.72 2.12
N THR B 47 9.48 -7.06 0.99
CA THR B 47 8.18 -6.95 0.38
C THR B 47 7.78 -8.20 -0.41
N LEU B 48 8.75 -8.93 -0.95
CA LEU B 48 8.48 -10.08 -1.85
C LEU B 48 8.94 -11.46 -1.34
N MET B 49 9.86 -11.48 -0.40
CA MET B 49 10.56 -12.73 -0.06
C MET B 49 9.66 -13.72 0.71
N ALA B 50 9.90 -15.01 0.45
CA ALA B 50 9.10 -16.07 1.04
C ALA B 50 9.42 -16.25 2.51
N ALA B 51 10.71 -16.23 2.86
CA ALA B 51 11.12 -16.41 4.25
C ALA B 51 10.80 -15.19 5.11
N ALA B 52 10.57 -15.44 6.40
CA ALA B 52 10.40 -14.40 7.41
C ALA B 52 11.31 -14.64 8.60
N GLY B 53 11.34 -13.66 9.50
CA GLY B 53 12.00 -13.82 10.80
C GLY B 53 13.42 -14.35 10.69
N HIS B 54 13.70 -15.43 11.43
CA HIS B 54 15.05 -15.98 11.53
C HIS B 54 15.55 -16.52 10.18
N GLN B 55 14.63 -17.01 9.36
CA GLN B 55 14.97 -17.59 8.06
C GLN B 55 15.33 -16.51 7.05
N ALA B 56 14.69 -15.35 7.16
CA ALA B 56 15.00 -14.19 6.32
C ALA B 56 16.37 -13.60 6.69
N GLU B 57 16.60 -13.40 7.98
CA GLU B 57 17.87 -12.78 8.40
CA GLU B 57 17.87 -12.82 8.47
C GLU B 57 19.09 -13.66 8.09
N ALA B 58 18.92 -14.98 8.14
CA ALA B 58 20.00 -15.92 7.82
C ALA B 58 20.48 -15.80 6.37
N ILE B 59 19.60 -15.36 5.47
CA ILE B 59 19.99 -15.14 4.08
C ILE B 59 21.11 -14.11 3.95
N LEU B 60 21.01 -13.02 4.72
CA LEU B 60 22.02 -11.94 4.63
C LEU B 60 23.42 -12.48 4.87
N GLU B 61 23.58 -13.26 5.93
CA GLU B 61 24.87 -13.85 6.27
CA GLU B 61 24.86 -13.87 6.29
C GLU B 61 25.40 -14.75 5.15
N GLU B 62 24.53 -15.59 4.61
CA GLU B 62 24.90 -16.52 3.55
C GLU B 62 25.40 -15.79 2.29
N ILE B 63 24.66 -14.78 1.85
CA ILE B 63 24.99 -14.07 0.62
C ILE B 63 26.27 -13.23 0.78
N MET B 64 26.41 -12.57 1.93
CA MET B 64 27.57 -11.73 2.20
C MET B 64 28.87 -12.55 2.22
N THR B 65 28.79 -13.76 2.78
CA THR B 65 29.92 -14.70 2.79
C THR B 65 30.29 -15.21 1.39
N LYS B 66 29.29 -15.74 0.69
CA LYS B 66 29.51 -16.41 -0.60
C LYS B 66 29.83 -15.44 -1.74
N TYR B 67 29.29 -14.23 -1.67
CA TYR B 67 29.49 -13.24 -2.73
C TYR B 67 30.15 -11.96 -2.19
N LYS B 68 31.07 -12.13 -1.24
CA LYS B 68 31.80 -11.01 -0.62
C LYS B 68 32.39 -10.06 -1.67
N GLY B 69 31.99 -8.78 -1.60
CA GLY B 69 32.47 -7.76 -2.54
C GLY B 69 31.96 -7.99 -3.95
N ASN B 70 30.87 -8.75 -4.08
CA ASN B 70 30.30 -9.06 -5.38
C ASN B 70 28.77 -9.10 -5.36
N TYR B 71 28.16 -8.43 -4.40
CA TYR B 71 26.70 -8.20 -4.38
C TYR B 71 26.44 -6.69 -4.35
N ILE B 72 25.28 -6.30 -4.89
CA ILE B 72 24.81 -4.92 -4.84
C ILE B 72 23.92 -4.76 -3.61
N LEU B 73 24.14 -3.70 -2.84
CA LEU B 73 23.20 -3.32 -1.78
C LEU B 73 22.29 -2.24 -2.35
N ALA B 74 20.98 -2.51 -2.38
CA ALA B 74 20.00 -1.49 -2.74
C ALA B 74 19.28 -1.09 -1.46
N VAL B 75 19.15 0.21 -1.23
CA VAL B 75 18.49 0.71 -0.03
C VAL B 75 17.31 1.57 -0.43
N GLU B 76 16.13 1.18 0.05
CA GLU B 76 14.93 1.98 -0.04
C GLU B 76 14.66 2.52 1.34
N GLY B 77 14.34 3.80 1.43
CA GLY B 77 14.16 4.42 2.72
C GLY B 77 15.45 4.86 3.36
N ASN B 78 15.37 5.20 4.64
CA ASN B 78 16.51 5.73 5.35
C ASN B 78 16.53 5.42 6.86
N PRO B 79 17.72 5.50 7.48
CA PRO B 79 17.83 5.25 8.91
C PRO B 79 17.51 6.48 9.74
N PRO B 80 16.71 6.29 10.79
CA PRO B 80 16.56 7.35 11.77
C PRO B 80 17.67 7.29 12.83
N LEU B 81 18.12 8.46 13.28
CA LEU B 81 19.09 8.53 14.38
C LEU B 81 18.47 8.84 15.75
N ASN B 82 17.29 9.44 15.78
CA ASN B 82 16.59 9.67 17.06
C ASN B 82 15.93 8.41 17.59
N GLN B 83 15.36 8.49 18.79
CA GLN B 83 14.81 7.33 19.48
C GLN B 83 15.80 6.16 19.58
N ASP B 84 17.09 6.49 19.72
CA ASP B 84 18.19 5.49 19.71
C ASP B 84 18.18 4.57 18.49
N GLY B 85 17.71 5.12 17.37
CA GLY B 85 17.50 4.38 16.13
C GLY B 85 16.30 3.45 16.11
N MET B 86 15.54 3.36 17.20
CA MET B 86 14.47 2.35 17.31
C MET B 86 13.11 2.85 16.84
N SER B 87 13.11 3.98 16.14
CA SER B 87 11.98 4.36 15.29
C SER B 87 12.04 3.60 13.96
N CYS B 88 13.06 2.76 13.75
CA CYS B 88 13.01 1.75 12.69
C CYS B 88 13.75 0.50 13.17
N ILE B 89 12.99 -0.52 13.55
CA ILE B 89 13.52 -1.73 14.18
C ILE B 89 13.44 -2.91 13.24
N ILE B 90 14.55 -3.64 13.11
CA ILE B 90 14.63 -4.85 12.29
C ILE B 90 15.34 -5.92 13.10
N GLY B 91 14.68 -7.06 13.31
CA GLY B 91 15.22 -8.15 14.14
C GLY B 91 15.56 -7.71 15.55
N GLY B 92 14.73 -6.85 16.12
CA GLY B 92 14.98 -6.29 17.43
C GLY B 92 16.08 -5.25 17.55
N ARG B 93 16.69 -4.84 16.44
CA ARG B 93 17.82 -3.92 16.46
C ARG B 93 17.57 -2.71 15.56
N PRO B 94 18.29 -1.59 15.79
CA PRO B 94 18.09 -0.46 14.90
C PRO B 94 18.44 -0.76 13.44
N PHE B 95 17.68 -0.19 12.52
CA PHE B 95 17.96 -0.36 11.10
C PHE B 95 19.36 0.09 10.72
N ILE B 96 19.84 1.17 11.35
CA ILE B 96 21.20 1.70 11.05
C ILE B 96 22.27 0.61 11.23
N GLU B 97 22.08 -0.27 12.22
CA GLU B 97 23.01 -1.39 12.43
C GLU B 97 22.96 -2.42 11.29
N GLN B 98 21.76 -2.73 10.78
CA GLN B 98 21.64 -3.61 9.61
C GLN B 98 22.29 -2.97 8.36
N LEU B 99 21.98 -1.70 8.12
CA LEU B 99 22.53 -0.96 6.98
C LEU B 99 24.07 -0.99 6.98
N LYS B 100 24.66 -0.64 8.11
CA LYS B 100 26.12 -0.64 8.27
C LYS B 100 26.73 -2.04 8.06
N TYR B 101 26.04 -3.06 8.57
CA TYR B 101 26.51 -4.46 8.42
C TYR B 101 26.53 -4.92 6.95
N VAL B 102 25.44 -4.72 6.24
CA VAL B 102 25.34 -5.19 4.87
C VAL B 102 26.19 -4.31 3.93
N ALA B 103 26.32 -3.02 4.24
CA ALA B 103 27.11 -2.11 3.38
C ALA B 103 28.60 -2.46 3.32
N LYS B 104 29.14 -3.04 4.37
CA LYS B 104 30.61 -3.18 4.46
C LYS B 104 31.25 -4.06 3.40
N ASP B 105 30.54 -5.09 2.92
CA ASP B 105 31.06 -5.96 1.85
C ASP B 105 30.36 -5.81 0.49
N ALA B 106 29.58 -4.75 0.32
CA ALA B 106 28.90 -4.51 -0.95
C ALA B 106 29.88 -4.00 -1.99
N LYS B 107 29.72 -4.40 -3.25
CA LYS B 107 30.55 -3.85 -4.32
C LYS B 107 30.04 -2.48 -4.80
N ALA B 108 28.75 -2.26 -4.62
CA ALA B 108 28.13 -0.99 -4.98
C ALA B 108 26.87 -0.80 -4.17
N ILE B 109 26.52 0.45 -3.89
CA ILE B 109 25.30 0.79 -3.15
C ILE B 109 24.41 1.70 -4.01
N ILE B 110 23.14 1.32 -4.15
CA ILE B 110 22.13 2.12 -4.83
C ILE B 110 21.25 2.72 -3.73
N SER B 111 21.17 4.05 -3.69
CA SER B 111 20.19 4.75 -2.85
C SER B 111 18.96 5.02 -3.70
N TRP B 112 17.97 4.13 -3.59
CA TRP B 112 16.72 4.25 -4.33
C TRP B 112 15.89 5.40 -3.77
N GLY B 113 15.48 6.33 -4.63
CA GLY B 113 14.51 7.35 -4.27
C GLY B 113 15.03 8.48 -3.41
N SER B 114 14.17 9.46 -3.20
CA SER B 114 14.53 10.64 -2.43
C SER B 114 14.77 10.32 -0.94
N CYS B 115 14.10 9.30 -0.42
CA CYS B 115 14.33 8.90 0.98
C CYS B 115 15.81 8.52 1.23
N ALA B 116 16.29 7.57 0.46
CA ALA B 116 17.65 7.09 0.61
C ALA B 116 18.68 8.12 0.16
N SER B 117 18.34 8.86 -0.90
CA SER B 117 19.24 9.84 -1.50
C SER B 117 19.41 11.07 -0.63
N TRP B 118 18.29 11.62 -0.12
CA TRP B 118 18.28 12.94 0.52
C TRP B 118 17.54 13.02 1.84
N GLY B 119 16.52 12.19 2.05
CA GLY B 119 15.76 12.21 3.29
C GLY B 119 14.27 12.15 3.09
N CYS B 120 13.80 12.83 2.04
CA CYS B 120 12.39 12.92 1.62
C CYS B 120 11.47 13.33 2.78
N VAL B 121 10.23 12.85 2.79
CA VAL B 121 9.19 13.46 3.59
C VAL B 121 9.45 13.41 5.11
N GLN B 122 9.96 12.29 5.60
CA GLN B 122 10.23 12.13 7.03
C GLN B 122 11.36 13.06 7.51
N ALA B 123 12.19 13.51 6.57
CA ALA B 123 13.27 14.45 6.85
C ALA B 123 12.86 15.91 6.73
N ALA B 124 11.62 16.17 6.28
CA ALA B 124 11.11 17.54 6.25
C ALA B 124 10.97 18.06 7.67
N LYS B 125 11.05 19.37 7.83
CA LYS B 125 11.03 20.01 9.15
C LYS B 125 9.77 19.60 9.91
N PRO B 126 9.89 19.24 11.18
CA PRO B 126 11.11 19.32 12.01
C PRO B 126 11.94 18.01 12.12
N ASN B 127 11.68 17.06 11.23
CA ASN B 127 12.40 15.77 11.20
C ASN B 127 12.46 15.06 12.57
N PRO B 128 11.31 14.62 13.07
CA PRO B 128 11.26 14.09 14.44
C PRO B 128 12.09 12.84 14.70
N THR B 129 12.41 12.06 13.65
CA THR B 129 13.24 10.85 13.80
C THR B 129 14.70 11.04 13.42
N GLN B 130 15.09 12.24 13.02
CA GLN B 130 16.42 12.51 12.47
CA GLN B 130 16.41 12.50 12.47
C GLN B 130 16.75 11.47 11.39
N ALA B 131 15.84 11.36 10.44
CA ALA B 131 16.00 10.48 9.32
C ALA B 131 17.11 11.08 8.46
N THR B 132 18.05 10.25 8.04
CA THR B 132 19.33 10.67 7.47
C THR B 132 19.57 9.87 6.20
N PRO B 133 19.94 10.54 5.09
CA PRO B 133 20.19 9.78 3.86
C PRO B 133 21.39 8.83 4.01
N VAL B 134 21.44 7.82 3.15
CA VAL B 134 22.41 6.72 3.25
C VAL B 134 23.86 7.23 3.18
N HIS B 135 24.13 8.18 2.28
CA HIS B 135 25.51 8.66 2.06
C HIS B 135 26.10 9.44 3.25
N LYS B 136 25.25 9.90 4.15
CA LYS B 136 25.71 10.55 5.39
C LYS B 136 26.03 9.57 6.50
N VAL B 137 25.59 8.32 6.35
CA VAL B 137 25.87 7.22 7.28
C VAL B 137 26.97 6.30 6.74
N ILE B 138 26.90 5.96 5.45
CA ILE B 138 27.93 5.16 4.80
C ILE B 138 28.82 6.08 3.98
N THR B 139 30.05 6.28 4.42
CA THR B 139 30.93 7.28 3.82
C THR B 139 32.15 6.70 3.09
N ASP B 140 32.32 5.39 3.16
CA ASP B 140 33.52 4.71 2.63
C ASP B 140 33.21 3.77 1.47
N LYS B 141 32.02 3.92 0.87
CA LYS B 141 31.57 3.02 -0.18
C LYS B 141 31.05 3.80 -1.38
N PRO B 142 31.18 3.23 -2.58
CA PRO B 142 30.62 3.88 -3.76
C PRO B 142 29.09 3.80 -3.78
N ILE B 143 28.44 4.97 -3.88
CA ILE B 143 26.99 5.07 -3.85
C ILE B 143 26.50 5.76 -5.13
N ILE B 144 25.39 5.26 -5.68
CA ILE B 144 24.68 5.94 -6.75
C ILE B 144 23.33 6.38 -6.19
N LYS B 145 23.02 7.65 -6.35
CA LYS B 145 21.72 8.22 -5.94
C LYS B 145 20.77 8.23 -7.12
N VAL B 146 19.56 7.72 -6.90
CA VAL B 146 18.52 7.66 -7.93
C VAL B 146 17.29 8.36 -7.33
N PRO B 147 17.32 9.70 -7.29
CA PRO B 147 16.25 10.38 -6.53
C PRO B 147 14.94 10.52 -7.28
N GLY B 148 13.94 11.01 -6.57
CA GLY B 148 12.58 11.10 -7.05
C GLY B 148 11.67 10.38 -6.07
N CYS B 149 10.41 10.81 -6.03
CA CYS B 149 9.46 10.28 -5.06
C CYS B 149 8.21 9.74 -5.73
N PRO B 150 8.28 8.55 -6.33
CA PRO B 150 9.51 7.74 -6.52
C PRO B 150 10.22 8.11 -7.81
N PRO B 151 11.37 7.50 -8.09
CA PRO B 151 11.93 7.68 -9.43
C PRO B 151 11.08 6.96 -10.46
N ILE B 152 11.25 7.34 -11.72
CA ILE B 152 10.55 6.70 -12.83
C ILE B 152 10.97 5.23 -12.87
N ALA B 153 10.02 4.34 -13.18
CA ALA B 153 10.29 2.90 -13.17
C ALA B 153 11.46 2.55 -14.10
N GLU B 154 11.43 3.08 -15.31
CA GLU B 154 12.50 2.78 -16.30
C GLU B 154 13.85 3.36 -15.93
N VAL B 155 13.87 4.41 -15.13
CA VAL B 155 15.12 4.92 -14.60
C VAL B 155 15.71 3.92 -13.62
N MET B 156 14.87 3.36 -12.75
CA MET B 156 15.33 2.38 -11.77
C MET B 156 15.89 1.14 -12.46
N THR B 157 15.13 0.56 -13.38
CA THR B 157 15.60 -0.65 -14.08
C THR B 157 16.73 -0.33 -15.05
N GLY B 158 16.73 0.88 -15.60
CA GLY B 158 17.85 1.39 -16.40
C GLY B 158 19.18 1.38 -15.67
N VAL B 159 19.17 1.87 -14.43
CA VAL B 159 20.37 1.87 -13.58
C VAL B 159 20.85 0.43 -13.32
N ILE B 160 19.91 -0.45 -12.95
CA ILE B 160 20.24 -1.86 -12.73
C ILE B 160 20.83 -2.50 -13.99
N THR B 161 20.16 -2.31 -15.12
CA THR B 161 20.60 -2.86 -16.40
C THR B 161 22.02 -2.41 -16.74
N TYR B 162 22.30 -1.12 -16.58
CA TYR B 162 23.64 -0.61 -16.82
C TYR B 162 24.69 -1.29 -15.92
N MET B 163 24.38 -1.36 -14.62
CA MET B 163 25.31 -1.93 -13.68
C MET B 163 25.58 -3.41 -13.96
N LEU B 164 24.57 -4.16 -14.38
CA LEU B 164 24.73 -5.59 -14.63
CA LEU B 164 24.73 -5.60 -14.64
C LEU B 164 25.49 -5.86 -15.93
N THR B 165 25.17 -5.12 -16.97
CA THR B 165 25.84 -5.26 -18.26
C THR B 165 27.34 -4.94 -18.16
N PHE B 166 27.66 -3.85 -17.48
CA PHE B 166 29.00 -3.30 -17.54
C PHE B 166 29.83 -3.54 -16.28
N ASP B 167 29.20 -4.02 -15.20
CA ASP B 167 29.90 -4.22 -13.92
C ASP B 167 30.58 -2.90 -13.48
N ARG B 168 29.88 -1.79 -13.68
CA ARG B 168 30.35 -0.44 -13.37
C ARG B 168 29.17 0.43 -12.97
N ILE B 169 29.44 1.42 -12.12
CA ILE B 169 28.46 2.46 -11.81
C ILE B 169 28.53 3.48 -12.97
N PRO B 170 27.37 3.92 -13.49
CA PRO B 170 27.45 4.88 -14.60
C PRO B 170 27.99 6.23 -14.15
N GLU B 171 28.38 7.07 -15.11
CA GLU B 171 28.92 8.39 -14.79
C GLU B 171 27.91 9.20 -13.98
N LEU B 172 28.38 9.80 -12.90
CA LEU B 172 27.56 10.57 -11.99
C LEU B 172 27.85 12.06 -12.09
N ASP B 173 26.82 12.87 -11.89
CA ASP B 173 27.00 14.31 -11.68
C ASP B 173 27.57 14.55 -10.27
N ARG B 174 27.81 15.80 -9.89
CA ARG B 174 28.46 16.11 -8.60
CA ARG B 174 28.48 16.06 -8.61
C ARG B 174 27.60 15.76 -7.38
N GLN B 175 26.29 15.62 -7.58
CA GLN B 175 25.38 15.17 -6.53
C GLN B 175 25.21 13.65 -6.45
N GLY B 176 25.96 12.89 -7.26
CA GLY B 176 25.91 11.44 -7.22
C GLY B 176 24.80 10.80 -8.02
N ARG B 177 24.16 11.55 -8.90
CA ARG B 177 23.06 11.04 -9.71
C ARG B 177 23.57 10.64 -11.09
N PRO B 178 22.98 9.59 -11.70
CA PRO B 178 23.48 9.19 -13.03
C PRO B 178 23.13 10.19 -14.14
N LYS B 179 24.15 10.70 -14.83
CA LYS B 179 23.97 11.67 -15.92
C LYS B 179 23.06 11.14 -17.04
N MET B 180 23.02 9.84 -17.24
CA MET B 180 22.17 9.27 -18.31
C MET B 180 20.67 9.54 -18.09
N PHE B 181 20.26 9.79 -16.84
CA PHE B 181 18.86 10.06 -16.52
C PHE B 181 18.58 11.43 -15.89
N TYR B 182 19.57 12.03 -15.24
CA TYR B 182 19.35 13.28 -14.48
C TYR B 182 20.11 14.50 -15.03
N SER B 183 20.43 14.50 -16.32
CA SER B 183 21.20 15.60 -16.92
CA SER B 183 21.19 15.59 -16.92
C SER B 183 20.34 16.78 -17.33
N GLN B 184 19.05 16.55 -17.61
CA GLN B 184 18.14 17.62 -18.03
C GLN B 184 17.23 18.03 -16.88
N ARG B 185 16.93 19.32 -16.87
CA ARG B 185 15.83 19.85 -16.08
C ARG B 185 14.51 19.54 -16.78
N ILE B 186 13.45 19.36 -16.00
CA ILE B 186 12.12 19.14 -16.52
C ILE B 186 11.79 20.23 -17.53
N HIS B 187 12.10 21.46 -17.17
CA HIS B 187 11.81 22.67 -17.99
C HIS B 187 12.53 22.71 -19.36
N ASP B 188 13.64 21.98 -19.51
CA ASP B 188 14.40 21.96 -20.78
C ASP B 188 13.57 21.47 -21.98
N LYS B 189 12.90 20.31 -21.84
CA LYS B 189 12.13 19.70 -22.93
C LYS B 189 10.62 19.55 -22.62
N CYS B 190 10.14 20.13 -21.53
CA CYS B 190 8.72 20.16 -21.22
C CYS B 190 7.91 20.66 -22.45
N TYR B 191 6.88 19.90 -22.83
CA TYR B 191 6.08 20.22 -24.01
C TYR B 191 5.30 21.55 -23.89
N ARG B 192 5.16 22.09 -22.68
CA ARG B 192 4.48 23.38 -22.48
C ARG B 192 5.43 24.56 -22.64
N ARG B 193 6.71 24.30 -22.89
CA ARG B 193 7.71 25.38 -23.06
C ARG B 193 7.35 26.52 -24.02
N PRO B 194 6.77 26.20 -25.19
CA PRO B 194 6.37 27.26 -26.11
C PRO B 194 5.37 28.25 -25.51
N HIS B 195 4.53 27.77 -24.59
CA HIS B 195 3.68 28.67 -23.80
C HIS B 195 4.47 29.50 -22.80
N PHE B 196 5.37 28.85 -22.05
CA PHE B 196 6.25 29.58 -21.14
C PHE B 196 6.98 30.69 -21.90
N ASP B 197 7.54 30.33 -23.04
CA ASP B 197 8.33 31.25 -23.86
C ASP B 197 7.50 32.43 -24.40
N ALA B 198 6.19 32.23 -24.57
CA ALA B 198 5.27 33.26 -25.04
C ALA B 198 4.52 33.93 -23.88
N GLY B 199 4.89 33.63 -22.65
CA GLY B 199 4.24 34.20 -21.48
C GLY B 199 2.77 33.83 -21.34
N GLN B 200 2.44 32.59 -21.73
CA GLN B 200 1.08 32.06 -21.68
C GLN B 200 0.95 31.09 -20.49
N PHE B 201 0.20 31.50 -19.46
CA PHE B 201 0.18 30.81 -18.17
C PHE B 201 -1.22 30.50 -17.69
N VAL B 202 -1.34 29.41 -16.92
CA VAL B 202 -2.51 29.15 -16.09
C VAL B 202 -2.43 30.08 -14.88
N GLU B 203 -3.51 30.80 -14.57
CA GLU B 203 -3.53 31.66 -13.38
C GLU B 203 -4.44 31.13 -12.29
N GLU B 204 -5.45 30.36 -12.67
CA GLU B 204 -6.36 29.69 -11.76
C GLU B 204 -6.64 28.31 -12.30
N TRP B 205 -6.83 27.34 -11.41
CA TRP B 205 -7.21 26.00 -11.87
C TRP B 205 -8.50 26.01 -12.73
N ASP B 206 -8.46 25.17 -13.75
CA ASP B 206 -9.55 25.01 -14.70
C ASP B 206 -9.98 26.31 -15.39
N ASP B 207 -9.06 27.27 -15.54
CA ASP B 207 -9.33 28.46 -16.34
C ASP B 207 -9.17 28.09 -17.82
N GLU B 208 -9.52 29.01 -18.71
CA GLU B 208 -9.46 28.73 -20.13
C GLU B 208 -8.02 28.33 -20.50
N SER B 209 -7.05 29.00 -19.89
CA SER B 209 -5.64 28.70 -20.12
C SER B 209 -5.28 27.26 -19.76
N ALA B 210 -5.84 26.74 -18.67
CA ALA B 210 -5.58 25.38 -18.24
C ALA B 210 -6.16 24.36 -19.23
N ARG B 211 -7.33 24.67 -19.78
CA ARG B 211 -7.93 23.81 -20.80
C ARG B 211 -7.18 23.82 -22.12
N LYS B 212 -6.35 24.85 -22.37
CA LYS B 212 -5.46 24.87 -23.52
C LYS B 212 -4.05 24.38 -23.25
N GLY B 213 -3.78 23.90 -22.04
CA GLY B 213 -2.46 23.37 -21.72
C GLY B 213 -1.36 24.41 -21.59
N PHE B 214 -1.73 25.61 -21.15
CA PHE B 214 -0.73 26.67 -20.93
C PHE B 214 0.22 26.30 -19.78
N CYS B 215 1.32 27.04 -19.70
CA CYS B 215 2.41 26.74 -18.78
C CYS B 215 1.94 26.88 -17.33
N LEU B 216 2.45 26.01 -16.46
CA LEU B 216 2.08 25.96 -15.04
C LEU B 216 3.01 26.70 -14.07
N TYR B 217 3.94 27.49 -14.59
CA TYR B 217 4.86 28.25 -13.74
C TYR B 217 4.16 29.07 -12.66
N LYS B 218 3.10 29.78 -13.03
CA LYS B 218 2.44 30.68 -12.06
C LYS B 218 1.55 29.91 -11.06
N MET B 219 1.29 28.64 -11.35
CA MET B 219 0.66 27.73 -10.40
C MET B 219 1.67 26.97 -9.51
N GLY B 220 2.95 27.32 -9.58
CA GLY B 220 3.94 26.79 -8.65
C GLY B 220 4.88 25.76 -9.26
N CYS B 221 4.81 25.53 -10.57
CA CYS B 221 5.64 24.49 -11.22
C CYS B 221 7.14 24.68 -10.95
N LYS B 222 7.75 23.65 -10.40
CA LYS B 222 9.16 23.67 -10.05
C LYS B 222 10.04 22.97 -11.10
N GLY B 223 9.48 22.70 -12.28
CA GLY B 223 10.26 22.16 -13.39
C GLY B 223 11.52 22.94 -13.78
N PRO B 224 11.50 24.28 -13.68
CA PRO B 224 12.72 25.06 -13.98
C PRO B 224 13.93 24.79 -13.09
N THR B 225 13.77 24.16 -11.93
CA THR B 225 14.88 23.93 -10.99
C THR B 225 15.01 22.45 -10.60
N THR B 226 14.39 21.57 -11.39
CA THR B 226 14.29 20.15 -11.03
C THR B 226 14.86 19.24 -12.13
N TYR B 227 15.80 18.39 -11.75
CA TYR B 227 16.46 17.49 -12.71
C TYR B 227 15.86 16.08 -12.66
N ASN B 228 15.29 15.65 -13.77
CA ASN B 228 14.70 14.30 -13.89
C ASN B 228 14.37 14.03 -15.35
N ALA B 229 13.95 12.81 -15.66
CA ALA B 229 13.64 12.42 -17.04
C ALA B 229 12.13 12.49 -17.39
N CYS B 230 11.31 13.09 -16.52
CA CYS B 230 9.86 13.02 -16.66
C CYS B 230 9.28 13.63 -17.94
N SER B 231 9.88 14.70 -18.46
CA SER B 231 9.37 15.41 -19.65
CA SER B 231 9.33 15.40 -19.62
C SER B 231 9.55 14.63 -20.94
N THR B 232 10.58 13.79 -20.98
CA THR B 232 10.90 13.01 -22.18
C THR B 232 10.53 11.53 -22.04
N THR B 233 11.16 10.85 -21.11
CA THR B 233 10.85 9.44 -20.80
C THR B 233 9.41 9.25 -20.31
N ARG B 234 8.97 10.16 -19.44
CA ARG B 234 7.60 10.15 -18.91
C ARG B 234 7.37 8.92 -18.03
N TRP B 235 6.14 8.77 -17.56
CA TRP B 235 5.81 7.79 -16.53
C TRP B 235 4.93 6.67 -17.06
N ASN B 236 5.14 5.48 -16.52
CA ASN B 236 4.27 4.31 -16.75
C ASN B 236 4.17 3.96 -18.23
N GLU B 237 5.32 3.59 -18.78
CA GLU B 237 5.49 3.36 -20.22
C GLU B 237 5.12 4.57 -21.09
N GLY B 238 5.66 5.73 -20.70
CA GLY B 238 5.49 6.96 -21.46
C GLY B 238 4.06 7.47 -21.60
N THR B 239 3.23 7.20 -20.61
CA THR B 239 1.81 7.56 -20.67
C THR B 239 1.54 9.07 -20.38
N SER B 240 2.16 9.58 -19.31
CA SER B 240 2.02 10.99 -18.93
C SER B 240 3.14 11.41 -17.97
N PHE B 241 3.06 12.64 -17.49
CA PHE B 241 3.80 13.09 -16.34
C PHE B 241 3.02 14.19 -15.67
N CYS B 242 3.52 14.64 -14.53
CA CYS B 242 2.77 15.58 -13.70
C CYS B 242 2.18 16.74 -14.53
N ILE B 243 3.02 17.36 -15.33
CA ILE B 243 2.64 18.56 -16.10
C ILE B 243 1.64 18.24 -17.21
N GLN B 244 1.84 17.10 -17.86
CA GLN B 244 0.94 16.70 -18.93
C GLN B 244 -0.47 16.46 -18.43
N SER B 245 -0.59 15.96 -17.20
CA SER B 245 -1.89 15.72 -16.57
C SER B 245 -2.44 16.92 -15.82
N GLY B 246 -1.68 18.02 -15.79
CA GLY B 246 -2.21 19.31 -15.37
C GLY B 246 -1.72 19.91 -14.06
N HIS B 247 -0.82 19.22 -13.36
CA HIS B 247 -0.29 19.71 -12.09
C HIS B 247 1.17 20.11 -12.29
N GLY B 248 1.58 21.25 -11.74
CA GLY B 248 2.99 21.64 -11.77
C GLY B 248 3.89 20.58 -11.12
N CYS B 249 5.14 20.51 -11.59
CA CYS B 249 6.15 19.70 -10.93
C CYS B 249 6.33 20.24 -9.51
N ILE B 250 6.33 19.36 -8.52
CA ILE B 250 6.59 19.75 -7.12
C ILE B 250 8.08 19.63 -6.74
N GLY B 251 8.90 19.21 -7.68
CA GLY B 251 10.35 19.15 -7.49
C GLY B 251 10.83 17.90 -6.76
N CYS B 252 10.15 16.77 -6.94
CA CYS B 252 10.33 15.62 -6.05
C CYS B 252 11.68 14.88 -6.17
N SER B 253 12.47 15.19 -7.19
CA SER B 253 13.80 14.56 -7.32
C SER B 253 14.91 15.42 -6.72
N GLU B 254 14.57 16.62 -6.24
CA GLU B 254 15.57 17.55 -5.69
C GLU B 254 15.66 17.51 -4.18
N ASP B 255 16.90 17.66 -3.68
CA ASP B 255 17.23 17.63 -2.27
C ASP B 255 16.40 18.67 -1.52
N GLY B 256 15.67 18.23 -0.49
CA GLY B 256 14.91 19.12 0.38
C GLY B 256 13.68 19.80 -0.23
N PHE B 257 13.07 19.17 -1.23
CA PHE B 257 11.93 19.78 -1.95
C PHE B 257 10.68 20.05 -1.11
N TRP B 258 10.52 19.32 0.00
CA TRP B 258 9.40 19.56 0.92
C TRP B 258 9.47 20.89 1.67
N ASP B 259 10.68 21.45 1.78
CA ASP B 259 10.92 22.66 2.58
C ASP B 259 11.38 23.83 1.72
N LYS B 260 10.95 23.83 0.47
CA LYS B 260 11.21 24.92 -0.48
C LYS B 260 9.94 25.76 -0.71
N GLY B 261 9.13 25.88 0.33
CA GLY B 261 7.90 26.67 0.29
C GLY B 261 6.75 25.88 -0.30
N SER B 262 5.58 26.50 -0.29
CA SER B 262 4.39 25.86 -0.83
C SER B 262 4.60 25.44 -2.29
N PHE B 263 4.05 24.28 -2.62
CA PHE B 263 4.10 23.77 -3.98
C PHE B 263 3.40 24.66 -4.98
N TYR B 264 2.45 25.49 -4.52
CA TYR B 264 1.69 26.38 -5.39
C TYR B 264 2.24 27.79 -5.44
N ASP B 265 3.31 28.07 -4.69
CA ASP B 265 3.99 29.36 -4.81
C ASP B 265 4.98 29.34 -5.97
N ARG B 266 4.92 30.36 -6.80
CA ARG B 266 5.76 30.42 -7.99
C ARG B 266 7.21 30.66 -7.62
N LEU B 267 8.11 30.14 -8.46
CA LEU B 267 9.50 30.53 -8.38
C LEU B 267 9.61 32.03 -8.66
N THR B 268 10.53 32.68 -7.98
CA THR B 268 10.79 34.10 -8.24
C THR B 268 11.84 34.21 -9.32
N GLY B 269 11.84 35.35 -10.01
CA GLY B 269 12.86 35.62 -11.01
C GLY B 269 12.67 34.76 -12.24
N ILE B 270 11.47 34.85 -12.83
CA ILE B 270 11.11 34.09 -14.02
C ILE B 270 12.06 34.28 -15.22
N SER B 271 12.57 35.50 -15.41
CA SER B 271 13.56 35.80 -16.47
C SER B 271 14.76 34.84 -16.44
N GLN B 272 15.13 34.41 -15.23
CA GLN B 272 16.12 33.38 -14.96
C GLN B 272 15.98 32.11 -15.80
N PHE B 273 14.73 31.75 -16.12
CA PHE B 273 14.39 30.45 -16.74
C PHE B 273 13.99 30.54 -18.20
N GLY B 274 14.18 31.72 -18.80
CA GLY B 274 13.86 31.94 -20.19
C GLY B 274 14.99 31.45 -21.08
FE NFU C . -3.11 2.24 3.73
NI NFU C . -0.72 1.72 2.86
C1 NFU C . -4.47 1.15 2.84
N1 NFU C . -5.44 0.53 2.27
C2 NFU C . -3.46 1.14 5.51
N2 NFU C . -3.61 0.46 6.48
C3 NFU C . -4.59 3.49 4.18
O3 NFU C . -5.16 4.35 4.35
MG MG D . -2.45 8.93 13.80
FE1 SF4 E . 6.77 23.06 -18.29
FE2 SF4 E . 6.70 23.86 -15.69
FE3 SF4 E . 6.02 25.64 -17.66
FE4 SF4 E . 8.59 24.89 -17.41
S1 SF4 E . 7.40 24.98 -19.35
S2 SF4 E . 7.34 26.03 -15.82
S3 SF4 E . 4.90 23.74 -17.14
S4 SF4 E . 8.36 22.72 -16.70
FE1 SF4 F . 6.51 15.05 -11.22
FE2 SF4 F . 8.56 16.89 -11.08
FE3 SF4 F . 8.93 14.46 -12.27
FE4 SF4 F . 8.68 14.59 -9.55
S1 SF4 F . 7.67 13.15 -10.94
S2 SF4 F . 10.38 15.53 -10.87
S3 SF4 F . 7.52 16.15 -13.01
S4 SF4 F . 7.15 16.27 -9.32
S1 F4S G . 9.96 5.28 -0.30
FE1 F4S G . 8.13 6.66 -0.76
S2 F4S G . 8.56 8.57 0.46
FE2 F4S G . 10.50 7.49 0.03
S3 F4S G . 11.19 8.39 -1.96
FE3 F4S G . 9.67 9.84 -1.10
FE3 F4S G . 9.03 8.68 -2.05
FE4 F4S G . 10.18 6.21 -2.36
CL CL H . 14.34 15.30 0.10
#